data_8D5P
#
_entry.id   8D5P
#
_cell.length_a   86.160
_cell.length_b   196.331
_cell.length_c   63.112
_cell.angle_alpha   90.000
_cell.angle_beta   90.000
_cell.angle_gamma   90.000
#
_symmetry.space_group_name_H-M   'P 21 21 2'
#
loop_
_entity.id
_entity.type
_entity.pdbx_description
1 polymer TCR-alpha
2 polymer TCR-beta
3 water water
#
loop_
_entity_poly.entity_id
_entity_poly.type
_entity_poly.pdbx_seq_one_letter_code
_entity_poly.pdbx_strand_id
1 'polypeptide(L)'
;MDSVTQTEGQVALSEEDFLTIHCNYSASGYPALFWYVQYPGEGPQFLFRASRDKEKGSSRGFEATYNKETTSFHLQKASV
QESDSAVYYCALGDPTGANTGKLTFGHGTILRVHPNIQNPDPAVYQLRDSKSSDKSVCLFTDFDSQTNVSQSKDSDVYIT
DKCVLDMRSMDFKSNSAVAWSNKSDFACANAFNNSIIPEDTFFPSPESS
;
A,C
2 'polypeptide(L)'
;MTLLEQNPRWRLVPRGQAVNLRCILKNSQYPWMSWYQQDLQKQLQWLFTLRSPGDKEVKSLPGADYLATRVTDTELRLQV
ANMSQGRTLYCTCSAGRGGYAEQFFGPGTRLTVLEDLKNVFPPEVAVFEPSEAEISHTQKATLVCLATGFYPDHVELSWW
VNGKEVHSGVCTDPQPLKEQPALNDSRYALSSRLRVSATFWQNPRNHFRCQVQFYGLSENDEWTQDRAKPVTQIVSAEAW
GRAD
;
B,D
#
# COMPACT_ATOMS: atom_id res chain seq x y z
N ASP A 2 -31.93 -11.24 -37.62
CA ASP A 2 -30.50 -10.83 -37.37
C ASP A 2 -29.81 -11.83 -36.43
N SER A 3 -28.58 -12.22 -36.73
CA SER A 3 -27.87 -13.31 -36.02
C SER A 3 -26.38 -13.00 -35.87
N VAL A 4 -25.77 -13.51 -34.80
CA VAL A 4 -24.30 -13.46 -34.57
C VAL A 4 -23.90 -14.87 -34.14
N THR A 5 -22.79 -15.32 -34.72
CA THR A 5 -22.12 -16.62 -34.43
C THR A 5 -20.69 -16.33 -33.98
N GLN A 6 -20.29 -16.86 -32.82
CA GLN A 6 -18.86 -17.00 -32.43
C GLN A 6 -18.58 -18.49 -32.34
N THR A 7 -18.14 -19.10 -33.41
CA THR A 7 -18.29 -20.56 -33.73
C THR A 7 -17.93 -21.41 -32.47
N GLU A 8 -16.93 -20.94 -31.73
CA GLU A 8 -16.23 -21.73 -30.69
C GLU A 8 -16.84 -21.35 -29.34
N GLY A 9 -17.10 -22.35 -28.50
CA GLY A 9 -17.55 -22.18 -27.10
C GLY A 9 -16.38 -21.91 -26.18
N GLN A 10 -15.31 -22.73 -26.24
CA GLN A 10 -14.11 -22.56 -25.38
C GLN A 10 -12.88 -22.36 -26.26
N VAL A 11 -11.85 -21.74 -25.69
CA VAL A 11 -10.48 -21.56 -26.25
C VAL A 11 -9.51 -21.66 -25.07
N ALA A 12 -8.53 -22.55 -25.12
CA ALA A 12 -7.49 -22.68 -24.08
C ALA A 12 -6.15 -22.31 -24.72
N LEU A 13 -5.29 -21.59 -24.01
CA LEU A 13 -4.10 -20.93 -24.57
C LEU A 13 -3.01 -20.80 -23.50
N SER A 14 -1.74 -20.73 -23.89
CA SER A 14 -0.65 -20.51 -22.92
C SER A 14 -0.46 -19.02 -22.79
N GLU A 15 0.08 -18.53 -21.69
CA GLU A 15 0.62 -17.15 -21.66
C GLU A 15 1.36 -16.93 -22.97
N GLU A 16 1.24 -15.75 -23.54
CA GLU A 16 2.03 -15.31 -24.73
C GLU A 16 1.60 -15.97 -26.05
N ASP A 17 0.53 -16.78 -26.07
CA ASP A 17 0.01 -17.40 -27.31
C ASP A 17 -0.76 -16.33 -28.10
N PHE A 18 -0.78 -16.50 -29.41
CA PHE A 18 -1.59 -15.72 -30.35
C PHE A 18 -3.05 -16.11 -30.19
N LEU A 19 -3.95 -15.13 -30.09
CA LEU A 19 -5.40 -15.34 -29.96
C LEU A 19 -6.19 -14.79 -31.16
N THR A 20 -7.20 -15.52 -31.63
CA THR A 20 -8.21 -14.96 -32.56
C THR A 20 -9.54 -15.61 -32.21
N ILE A 21 -10.61 -14.82 -32.00
CA ILE A 21 -12.00 -15.29 -31.75
C ILE A 21 -12.88 -14.84 -32.91
N HIS A 22 -13.55 -15.81 -33.53
CA HIS A 22 -14.35 -15.59 -34.76
C HIS A 22 -15.72 -15.02 -34.40
N CYS A 23 -16.07 -13.95 -35.12
CA CYS A 23 -17.42 -13.33 -35.12
C CYS A 23 -17.94 -13.15 -36.57
N ASN A 24 -18.96 -13.94 -36.91
CA ASN A 24 -19.69 -13.80 -38.19
C ASN A 24 -21.12 -13.38 -37.87
N TYR A 25 -21.67 -12.51 -38.71
CA TYR A 25 -23.06 -12.01 -38.59
C TYR A 25 -23.85 -12.45 -39.82
N SER A 26 -25.17 -12.51 -39.68
CA SER A 26 -26.14 -12.70 -40.79
C SER A 26 -27.23 -11.64 -40.64
N ALA A 27 -27.08 -10.49 -41.32
CA ALA A 27 -27.91 -9.27 -41.18
C ALA A 27 -28.35 -8.72 -42.55
N SER A 28 -29.43 -7.94 -42.57
CA SER A 28 -29.92 -7.24 -43.78
C SER A 28 -30.05 -5.74 -43.50
N GLY A 29 -28.98 -5.13 -43.00
CA GLY A 29 -28.77 -3.67 -43.04
C GLY A 29 -27.31 -3.41 -43.33
N TYR A 30 -26.75 -2.37 -42.71
CA TYR A 30 -25.29 -2.13 -42.62
C TYR A 30 -24.97 -2.03 -41.13
N PRO A 31 -25.02 -3.18 -40.41
CA PRO A 31 -25.08 -3.20 -38.95
C PRO A 31 -23.78 -2.71 -38.33
N ALA A 32 -23.89 -2.05 -37.18
CA ALA A 32 -22.78 -1.81 -36.21
C ALA A 32 -22.50 -3.09 -35.40
N LEU A 33 -21.19 -3.35 -35.18
CA LEU A 33 -20.65 -4.50 -34.43
C LEU A 33 -19.82 -3.99 -33.24
N PHE A 34 -19.71 -4.81 -32.20
CA PHE A 34 -19.15 -4.49 -30.85
C PHE A 34 -18.39 -5.67 -30.28
N TRP A 35 -17.44 -5.45 -29.37
CA TRP A 35 -16.90 -6.55 -28.54
C TRP A 35 -17.11 -6.20 -27.09
N TYR A 36 -17.58 -7.13 -26.27
CA TYR A 36 -17.71 -6.94 -24.81
C TYR A 36 -16.82 -7.99 -24.17
N VAL A 37 -16.30 -7.72 -22.98
CA VAL A 37 -15.57 -8.77 -22.19
C VAL A 37 -16.23 -8.89 -20.81
N GLN A 38 -16.36 -10.09 -20.32
CA GLN A 38 -16.87 -10.32 -18.95
C GLN A 38 -15.84 -11.12 -18.14
N TYR A 39 -15.29 -10.50 -17.10
CA TYR A 39 -14.39 -11.15 -16.11
C TYR A 39 -15.25 -11.75 -15.03
N PRO A 40 -14.75 -12.79 -14.32
CA PRO A 40 -15.54 -13.46 -13.28
C PRO A 40 -16.00 -12.47 -12.18
N GLY A 41 -17.28 -12.49 -11.82
CA GLY A 41 -17.83 -11.59 -10.78
C GLY A 41 -18.38 -10.30 -11.37
N GLU A 42 -17.89 -9.85 -12.51
CA GLU A 42 -18.29 -8.50 -13.01
C GLU A 42 -19.33 -8.66 -14.14
N GLY A 43 -20.00 -7.56 -14.46
CA GLY A 43 -20.87 -7.42 -15.63
C GLY A 43 -20.03 -7.15 -16.87
N PRO A 44 -20.61 -7.26 -18.08
CA PRO A 44 -19.86 -7.10 -19.31
C PRO A 44 -19.25 -5.72 -19.30
N GLN A 45 -18.17 -5.54 -20.05
CA GLN A 45 -17.48 -4.25 -20.23
C GLN A 45 -17.26 -4.00 -21.70
N PHE A 46 -17.58 -2.82 -22.16
CA PHE A 46 -17.36 -2.40 -23.56
C PHE A 46 -15.87 -2.53 -23.88
N LEU A 47 -15.59 -2.92 -25.11
CA LEU A 47 -14.23 -3.04 -25.67
C LEU A 47 -14.10 -2.10 -26.89
N PHE A 48 -14.87 -2.29 -27.96
CA PHE A 48 -14.87 -1.30 -29.07
C PHE A 48 -16.03 -1.51 -30.05
N ARG A 49 -16.25 -0.54 -30.94
CA ARG A 49 -17.32 -0.59 -32.00
C ARG A 49 -16.74 -0.21 -33.38
N ALA A 50 -17.30 -0.80 -34.45
CA ALA A 50 -17.03 -0.46 -35.86
C ALA A 50 -18.32 -0.63 -36.68
N SER A 51 -18.57 0.22 -37.68
CA SER A 51 -19.86 0.25 -38.43
C SER A 51 -19.67 0.29 -39.96
N ARG A 52 -18.45 0.49 -40.47
CA ARG A 52 -18.13 0.62 -41.92
C ARG A 52 -17.10 -0.47 -42.26
N ASP A 53 -17.03 -0.93 -43.53
CA ASP A 53 -16.03 -1.94 -43.97
C ASP A 53 -14.65 -1.30 -43.78
N LYS A 54 -13.72 -2.03 -43.14
CA LYS A 54 -12.26 -1.74 -43.00
C LYS A 54 -11.97 -0.86 -41.77
N GLU A 55 -12.99 -0.33 -41.09
CA GLU A 55 -12.87 0.35 -39.77
C GLU A 55 -12.27 -0.64 -38.77
N LYS A 56 -11.22 -0.23 -38.07
CA LYS A 56 -10.47 -1.10 -37.13
C LYS A 56 -10.69 -0.55 -35.72
N GLY A 57 -11.05 -1.41 -34.76
CA GLY A 57 -11.27 -1.02 -33.36
C GLY A 57 -10.26 -1.68 -32.46
N SER A 58 -9.79 -0.99 -31.42
CA SER A 58 -8.65 -1.40 -30.56
C SER A 58 -8.90 -0.97 -29.11
N SER A 59 -8.50 -1.82 -28.18
CA SER A 59 -8.45 -1.51 -26.73
C SER A 59 -7.74 -2.66 -26.00
N ARG A 60 -6.76 -2.31 -25.18
CA ARG A 60 -6.11 -3.23 -24.20
C ARG A 60 -5.32 -4.33 -24.91
N GLY A 61 -4.82 -4.02 -26.11
CA GLY A 61 -4.01 -4.93 -26.95
C GLY A 61 -4.87 -5.81 -27.82
N PHE A 62 -6.19 -5.66 -27.76
CA PHE A 62 -7.12 -6.34 -28.69
C PHE A 62 -7.38 -5.44 -29.91
N GLU A 63 -7.78 -6.11 -30.98
CA GLU A 63 -8.02 -5.51 -32.31
C GLU A 63 -9.06 -6.32 -33.04
N ALA A 64 -9.93 -5.64 -33.77
CA ALA A 64 -10.79 -6.27 -34.79
C ALA A 64 -11.00 -5.28 -35.92
N THR A 65 -11.23 -5.86 -37.08
CA THR A 65 -11.41 -5.15 -38.37
C THR A 65 -12.69 -5.73 -39.04
N TYR A 66 -13.64 -4.82 -39.31
CA TYR A 66 -14.94 -5.03 -39.99
C TYR A 66 -14.70 -5.44 -41.44
N ASN A 67 -15.29 -6.57 -41.84
CA ASN A 67 -14.99 -7.26 -43.13
C ASN A 67 -16.30 -7.69 -43.80
N LYS A 68 -16.85 -6.79 -44.59
CA LYS A 68 -18.21 -6.88 -45.19
C LYS A 68 -18.27 -8.10 -46.11
N GLU A 69 -17.17 -8.44 -46.80
CA GLU A 69 -17.15 -9.54 -47.81
C GLU A 69 -17.45 -10.91 -47.16
N THR A 70 -16.87 -11.25 -46.01
CA THR A 70 -17.17 -12.52 -45.29
C THR A 70 -17.97 -12.23 -44.00
N THR A 71 -18.49 -11.00 -43.86
CA THR A 71 -19.41 -10.58 -42.78
C THR A 71 -18.78 -10.98 -41.45
N SER A 72 -17.71 -10.30 -41.09
CA SER A 72 -16.83 -10.74 -39.99
C SER A 72 -16.25 -9.53 -39.25
N PHE A 73 -16.10 -9.72 -37.94
CA PHE A 73 -15.47 -8.76 -37.00
C PHE A 73 -14.62 -9.54 -35.99
N HIS A 74 -13.67 -10.36 -36.47
CA HIS A 74 -12.86 -11.30 -35.64
C HIS A 74 -11.98 -10.55 -34.63
N LEU A 75 -11.97 -11.01 -33.37
CA LEU A 75 -11.20 -10.41 -32.25
C LEU A 75 -9.84 -11.07 -32.14
N GLN A 76 -8.81 -10.28 -31.92
CA GLN A 76 -7.43 -10.78 -32.09
C GLN A 76 -6.57 -10.16 -31.00
N LYS A 77 -5.56 -10.88 -30.53
CA LYS A 77 -4.52 -10.30 -29.65
C LYS A 77 -3.20 -10.98 -29.89
N ALA A 78 -2.13 -10.22 -30.00
CA ALA A 78 -0.78 -10.75 -30.30
C ALA A 78 -0.31 -11.66 -29.15
N SER A 79 -0.47 -11.24 -27.90
CA SER A 79 0.08 -11.99 -26.74
C SER A 79 -0.87 -11.96 -25.53
N VAL A 80 -1.61 -13.05 -25.31
CA VAL A 80 -2.54 -13.17 -24.15
C VAL A 80 -1.72 -13.39 -22.89
N GLN A 81 -2.22 -12.87 -21.78
CA GLN A 81 -1.69 -13.18 -20.45
C GLN A 81 -2.84 -13.74 -19.63
N GLU A 82 -2.55 -14.27 -18.45
CA GLU A 82 -3.52 -14.93 -17.57
C GLU A 82 -4.72 -13.99 -17.29
N SER A 83 -4.45 -12.71 -17.12
CA SER A 83 -5.50 -11.75 -16.70
C SER A 83 -6.51 -11.49 -17.84
N ASP A 84 -6.30 -12.07 -19.04
CA ASP A 84 -7.22 -12.01 -20.20
C ASP A 84 -8.26 -13.12 -20.16
N SER A 85 -8.10 -14.09 -19.26
CA SER A 85 -9.14 -15.10 -18.94
C SER A 85 -10.46 -14.42 -18.57
N ALA A 86 -11.50 -14.70 -19.36
CA ALA A 86 -12.80 -14.00 -19.35
C ALA A 86 -13.75 -14.61 -20.41
N VAL A 87 -14.89 -13.96 -20.59
CA VAL A 87 -15.84 -14.36 -21.63
C VAL A 87 -15.99 -13.16 -22.56
N TYR A 88 -15.71 -13.38 -23.84
CA TYR A 88 -15.69 -12.34 -24.88
C TYR A 88 -17.02 -12.51 -25.61
N TYR A 89 -17.80 -11.43 -25.73
CA TYR A 89 -19.14 -11.42 -26.37
C TYR A 89 -19.08 -10.50 -27.58
N CYS A 90 -19.41 -11.05 -28.72
CA CYS A 90 -19.70 -10.27 -29.94
C CYS A 90 -21.15 -9.81 -29.91
N ALA A 91 -21.46 -8.64 -30.46
CA ALA A 91 -22.85 -8.16 -30.55
C ALA A 91 -23.04 -7.28 -31.79
N LEU A 92 -24.28 -7.12 -32.25
CA LEU A 92 -24.64 -6.17 -33.33
C LEU A 92 -25.97 -5.47 -33.04
N GLY A 93 -26.14 -4.30 -33.61
CA GLY A 93 -27.36 -3.49 -33.44
C GLY A 93 -27.55 -2.60 -34.63
N ASP A 94 -28.37 -1.57 -34.51
CA ASP A 94 -28.60 -0.60 -35.60
C ASP A 94 -27.98 0.75 -35.23
N PRO A 95 -27.10 1.33 -36.10
CA PRO A 95 -26.46 2.62 -35.83
C PRO A 95 -27.50 3.76 -35.91
N THR A 96 -28.53 3.48 -36.71
CA THR A 96 -29.50 4.42 -37.33
C THR A 96 -30.35 5.22 -36.34
N GLY A 97 -30.62 4.70 -35.15
CA GLY A 97 -31.63 5.32 -34.26
C GLY A 97 -33.05 4.94 -34.64
N ALA A 98 -33.24 3.78 -35.26
CA ALA A 98 -34.57 3.26 -35.66
C ALA A 98 -34.51 1.75 -35.74
N ASN A 99 -35.05 1.10 -34.72
CA ASN A 99 -34.83 1.54 -33.35
C ASN A 99 -34.53 0.25 -32.58
N THR A 100 -35.61 -0.48 -32.35
CA THR A 100 -35.79 -1.55 -31.35
C THR A 100 -35.09 -1.03 -30.07
N GLY A 101 -33.80 -0.62 -30.18
CA GLY A 101 -32.96 -0.11 -29.08
C GLY A 101 -31.98 -1.18 -28.61
N LYS A 102 -32.06 -2.32 -29.28
CA LYS A 102 -31.46 -3.59 -28.85
C LYS A 102 -30.14 -3.88 -29.57
N LEU A 103 -29.29 -4.56 -28.84
CA LEU A 103 -28.10 -5.28 -29.36
C LEU A 103 -28.43 -6.75 -29.37
N THR A 104 -28.00 -7.44 -30.40
CA THR A 104 -27.99 -8.92 -30.49
C THR A 104 -26.60 -9.37 -30.09
N PHE A 105 -26.54 -10.27 -29.09
CA PHE A 105 -25.28 -10.85 -28.55
C PHE A 105 -25.09 -12.29 -29.04
N GLY A 106 -23.84 -12.62 -29.30
CA GLY A 106 -23.41 -14.01 -29.53
C GLY A 106 -23.44 -14.82 -28.25
N HIS A 107 -23.26 -16.13 -28.38
CA HIS A 107 -23.27 -17.12 -27.28
C HIS A 107 -22.10 -16.82 -26.36
N GLY A 108 -21.11 -16.09 -26.88
CA GLY A 108 -19.88 -15.75 -26.14
C GLY A 108 -18.88 -16.90 -26.11
N THR A 109 -17.63 -16.59 -25.93
CA THR A 109 -16.49 -17.53 -26.06
C THR A 109 -15.67 -17.44 -24.77
N ILE A 110 -15.49 -18.56 -24.08
CA ILE A 110 -14.70 -18.65 -22.82
C ILE A 110 -13.23 -18.75 -23.25
N LEU A 111 -12.40 -17.86 -22.72
CA LEU A 111 -10.93 -17.84 -22.88
C LEU A 111 -10.30 -18.21 -21.54
N ARG A 112 -9.55 -19.32 -21.53
CA ARG A 112 -8.78 -19.78 -20.36
C ARG A 112 -7.32 -19.79 -20.76
N VAL A 113 -6.57 -18.83 -20.22
CA VAL A 113 -5.10 -18.69 -20.44
C VAL A 113 -4.40 -19.41 -19.28
N HIS A 114 -3.68 -20.49 -19.58
CA HIS A 114 -2.95 -21.29 -18.57
C HIS A 114 -1.52 -20.78 -18.57
N PRO A 115 -0.85 -20.73 -17.42
CA PRO A 115 0.50 -20.18 -17.34
C PRO A 115 1.54 -21.19 -17.82
N ASN A 116 2.74 -20.71 -18.16
CA ASN A 116 3.87 -21.57 -18.60
C ASN A 116 4.71 -21.90 -17.36
N ILE A 117 4.53 -23.13 -16.86
CA ILE A 117 5.25 -23.67 -15.65
C ILE A 117 6.64 -24.08 -16.15
N GLN A 118 7.68 -23.33 -15.78
CA GLN A 118 9.04 -23.58 -16.36
C GLN A 118 9.78 -24.62 -15.51
N ASN A 119 9.49 -24.78 -14.21
CA ASN A 119 10.17 -25.79 -13.36
C ASN A 119 9.13 -26.73 -12.74
N PRO A 120 8.56 -27.71 -13.50
CA PRO A 120 7.62 -28.66 -12.95
C PRO A 120 8.27 -29.53 -11.87
N ASP A 121 7.43 -30.02 -10.96
CA ASP A 121 7.79 -30.70 -9.70
C ASP A 121 6.54 -31.41 -9.15
N PRO A 122 5.88 -32.28 -9.92
CA PRO A 122 4.64 -32.90 -9.46
C PRO A 122 4.80 -33.71 -8.16
N ALA A 123 3.87 -33.45 -7.24
CA ALA A 123 3.82 -34.01 -5.89
C ALA A 123 2.35 -34.13 -5.47
N VAL A 124 1.99 -35.18 -4.78
CA VAL A 124 0.69 -35.20 -4.08
C VAL A 124 1.04 -35.18 -2.62
N TYR A 125 0.50 -34.26 -1.84
CA TYR A 125 0.75 -34.24 -0.37
C TYR A 125 -0.54 -34.43 0.39
N GLN A 126 -0.39 -34.94 1.59
CA GLN A 126 -1.48 -35.03 2.58
C GLN A 126 -1.22 -34.00 3.65
N LEU A 127 -2.26 -33.26 4.01
CA LEU A 127 -2.31 -32.23 5.08
C LEU A 127 -3.01 -32.88 6.29
N ARG A 128 -3.51 -32.11 7.27
CA ARG A 128 -4.61 -32.57 8.17
C ARG A 128 -5.31 -31.39 8.83
N ASP A 129 -6.36 -31.67 9.62
CA ASP A 129 -7.13 -30.69 10.44
C ASP A 129 -6.93 -30.91 11.94
N SER A 130 -7.94 -31.48 12.64
CA SER A 130 -8.17 -31.60 14.12
C SER A 130 -9.51 -30.93 14.46
N LYS A 131 -9.66 -29.67 14.03
CA LYS A 131 -10.71 -28.71 14.46
C LYS A 131 -12.11 -29.13 13.94
N SER A 132 -12.22 -30.17 13.12
CA SER A 132 -13.52 -30.81 12.77
C SER A 132 -13.24 -32.08 11.98
N SER A 133 -13.02 -31.83 10.71
CA SER A 133 -13.33 -32.71 9.59
C SER A 133 -12.79 -34.12 9.84
N ASP A 134 -13.68 -35.05 9.50
CA ASP A 134 -13.71 -36.52 9.68
C ASP A 134 -12.86 -37.20 8.60
N LYS A 135 -11.87 -36.49 8.05
CA LYS A 135 -11.82 -36.11 6.62
C LYS A 135 -10.47 -36.36 5.91
N SER A 136 -9.49 -35.48 6.13
CA SER A 136 -8.18 -35.48 5.43
C SER A 136 -8.34 -35.12 3.94
N VAL A 137 -7.54 -34.15 3.49
CA VAL A 137 -7.48 -33.67 2.07
C VAL A 137 -6.11 -34.02 1.52
N CYS A 138 -6.06 -34.27 0.21
CA CYS A 138 -4.83 -34.49 -0.59
C CYS A 138 -4.64 -33.32 -1.57
N LEU A 139 -3.44 -32.76 -1.60
CA LEU A 139 -3.08 -31.64 -2.48
C LEU A 139 -2.17 -32.15 -3.57
N PHE A 140 -2.66 -32.23 -4.80
CA PHE A 140 -1.83 -32.47 -5.99
C PHE A 140 -1.35 -31.08 -6.43
N THR A 141 -0.05 -30.81 -6.54
CA THR A 141 0.43 -29.44 -6.88
C THR A 141 1.72 -29.47 -7.69
N ASP A 142 2.11 -28.31 -8.25
CA ASP A 142 3.37 -28.04 -9.01
C ASP A 142 3.46 -28.87 -10.31
N PHE A 143 2.35 -29.30 -10.87
CA PHE A 143 2.35 -29.89 -12.22
C PHE A 143 2.26 -28.85 -13.35
N ASP A 144 2.54 -29.37 -14.54
CA ASP A 144 2.49 -28.76 -15.89
C ASP A 144 1.04 -28.49 -16.30
N SER A 145 0.80 -27.52 -17.19
CA SER A 145 -0.57 -27.13 -17.66
C SER A 145 -1.20 -28.19 -18.60
N GLN A 146 -0.39 -28.99 -19.28
CA GLN A 146 -0.88 -30.13 -20.09
C GLN A 146 -1.37 -31.31 -19.22
N THR A 147 -1.35 -31.26 -17.89
CA THR A 147 -2.05 -32.27 -17.05
C THR A 147 -3.54 -31.88 -16.89
N ASN A 148 -4.45 -32.84 -17.06
CA ASN A 148 -5.89 -32.64 -16.77
C ASN A 148 -6.26 -33.40 -15.49
N VAL A 149 -7.02 -32.77 -14.61
CA VAL A 149 -7.50 -33.44 -13.37
C VAL A 149 -8.96 -33.86 -13.57
N SER A 150 -9.15 -35.18 -13.58
CA SER A 150 -10.45 -35.86 -13.75
C SER A 150 -11.25 -35.79 -12.45
N GLN A 151 -12.58 -35.70 -12.55
CA GLN A 151 -13.53 -35.85 -11.40
C GLN A 151 -13.49 -37.33 -10.96
N SER A 152 -13.90 -37.67 -9.73
CA SER A 152 -13.64 -39.04 -9.14
C SER A 152 -14.57 -40.12 -9.71
N LYS A 153 -14.15 -41.39 -9.66
CA LYS A 153 -15.02 -42.55 -9.99
C LYS A 153 -15.88 -42.83 -8.76
N ASP A 154 -15.25 -42.88 -7.59
CA ASP A 154 -15.85 -42.90 -6.22
C ASP A 154 -16.78 -41.69 -6.03
N SER A 155 -17.99 -41.87 -5.49
CA SER A 155 -19.00 -40.78 -5.27
C SER A 155 -18.80 -40.18 -3.88
N ASP A 156 -18.22 -40.95 -2.95
CA ASP A 156 -17.87 -40.48 -1.59
C ASP A 156 -16.60 -39.60 -1.65
N VAL A 157 -15.89 -39.53 -2.80
CA VAL A 157 -14.67 -38.68 -2.98
C VAL A 157 -15.06 -37.44 -3.79
N TYR A 158 -14.47 -36.27 -3.45
CA TYR A 158 -14.66 -34.95 -4.11
C TYR A 158 -13.31 -34.45 -4.62
N ILE A 159 -13.21 -34.08 -5.89
CA ILE A 159 -11.95 -33.62 -6.51
C ILE A 159 -12.25 -32.34 -7.22
N THR A 160 -11.44 -31.30 -6.99
CA THR A 160 -11.62 -30.00 -7.67
C THR A 160 -10.82 -29.98 -8.96
N ASP A 161 -11.16 -29.06 -9.85
CA ASP A 161 -10.36 -28.95 -11.09
C ASP A 161 -9.12 -28.17 -10.71
N LYS A 162 -8.07 -28.32 -11.50
CA LYS A 162 -6.79 -27.59 -11.34
C LYS A 162 -7.11 -26.10 -11.42
N CYS A 163 -6.23 -25.31 -10.84
CA CYS A 163 -6.49 -23.90 -10.49
C CYS A 163 -5.11 -23.27 -10.26
N VAL A 164 -4.89 -22.05 -10.73
CA VAL A 164 -3.55 -21.38 -10.74
C VAL A 164 -3.47 -20.35 -9.61
N LEU A 165 -2.37 -20.34 -8.89
CA LEU A 165 -2.07 -19.25 -7.92
C LEU A 165 -0.72 -18.64 -8.25
N ASP A 166 -0.66 -17.33 -8.19
CA ASP A 166 0.53 -16.52 -8.48
C ASP A 166 0.91 -15.86 -7.18
N MET A 167 2.10 -16.18 -6.66
CA MET A 167 2.77 -15.36 -5.62
C MET A 167 3.52 -14.24 -6.38
N ARG A 168 2.98 -13.00 -6.49
CA ARG A 168 3.77 -11.79 -6.90
C ARG A 168 5.10 -11.89 -6.15
N SER A 169 5.89 -10.84 -6.00
CA SER A 169 7.03 -10.84 -5.05
C SER A 169 8.12 -11.81 -5.55
N MET A 170 7.84 -13.13 -5.64
CA MET A 170 8.67 -14.15 -6.34
C MET A 170 7.90 -14.54 -7.60
N ASP A 171 8.38 -14.38 -8.85
CA ASP A 171 7.44 -14.53 -10.01
C ASP A 171 7.17 -16.01 -10.25
N PHE A 172 6.36 -16.58 -9.37
CA PHE A 172 6.09 -18.02 -9.27
C PHE A 172 4.62 -18.28 -9.58
N LYS A 173 4.36 -19.18 -10.50
CA LYS A 173 2.97 -19.68 -10.64
C LYS A 173 2.99 -21.18 -10.51
N SER A 174 1.96 -21.72 -9.85
CA SER A 174 1.78 -23.16 -9.57
C SER A 174 0.34 -23.52 -9.89
N ASN A 175 0.12 -24.68 -10.49
CA ASN A 175 -1.19 -25.37 -10.50
C ASN A 175 -1.33 -26.19 -9.23
N SER A 176 -2.58 -26.34 -8.78
CA SER A 176 -2.97 -27.15 -7.60
C SER A 176 -4.31 -27.78 -7.93
N ALA A 177 -4.59 -29.01 -7.53
CA ALA A 177 -5.97 -29.52 -7.43
C ALA A 177 -6.09 -30.11 -6.04
N VAL A 178 -7.31 -30.30 -5.55
CA VAL A 178 -7.53 -30.79 -4.15
C VAL A 178 -8.46 -31.99 -4.16
N ALA A 179 -8.23 -32.96 -3.29
CA ALA A 179 -9.07 -34.16 -3.15
C ALA A 179 -9.37 -34.45 -1.68
N TRP A 180 -10.61 -34.81 -1.35
CA TRP A 180 -10.96 -35.15 0.04
C TRP A 180 -12.09 -36.19 0.08
N SER A 181 -12.25 -36.82 1.25
CA SER A 181 -13.30 -37.85 1.49
C SER A 181 -13.65 -37.94 2.99
N ASN A 182 -14.96 -37.90 3.29
CA ASN A 182 -15.53 -38.02 4.66
C ASN A 182 -15.49 -39.50 5.04
N LYS A 183 -14.34 -40.18 4.97
CA LYS A 183 -14.27 -41.67 5.13
C LYS A 183 -12.84 -42.24 5.23
N SER A 184 -12.74 -43.56 5.45
CA SER A 184 -11.50 -44.39 5.46
C SER A 184 -11.12 -44.68 4.00
N ASP A 185 -10.36 -45.75 3.71
CA ASP A 185 -10.06 -46.24 2.32
C ASP A 185 -9.40 -45.14 1.46
N PHE A 186 -9.00 -44.03 2.07
CA PHE A 186 -8.57 -42.78 1.37
C PHE A 186 -7.13 -42.46 1.73
N ALA A 187 -6.21 -42.89 0.88
CA ALA A 187 -4.75 -42.63 0.97
C ALA A 187 -4.43 -41.70 -0.18
N CYS A 188 -3.27 -41.04 -0.20
CA CYS A 188 -3.00 -39.97 -1.20
C CYS A 188 -2.43 -40.55 -2.47
N ALA A 189 -2.08 -41.84 -2.50
CA ALA A 189 -1.66 -42.51 -3.75
C ALA A 189 -2.83 -43.15 -4.49
N ASN A 190 -4.08 -43.07 -3.98
CA ASN A 190 -5.33 -43.52 -4.68
C ASN A 190 -6.09 -42.30 -5.21
N ALA A 191 -5.83 -41.15 -4.57
CA ALA A 191 -6.60 -39.90 -4.67
C ALA A 191 -6.93 -39.61 -6.14
N PHE A 192 -5.90 -39.51 -6.97
CA PHE A 192 -6.08 -39.02 -8.36
C PHE A 192 -5.94 -40.18 -9.34
N ASN A 193 -6.16 -41.40 -8.89
CA ASN A 193 -6.20 -42.62 -9.75
C ASN A 193 -6.81 -42.26 -11.10
N ASN A 194 -7.99 -41.63 -11.12
CA ASN A 194 -8.84 -41.46 -12.32
C ASN A 194 -8.33 -40.27 -13.19
N SER A 195 -7.19 -39.64 -12.84
CA SER A 195 -6.46 -38.68 -13.70
C SER A 195 -5.17 -39.31 -14.26
N ILE A 196 -4.83 -39.01 -15.50
CA ILE A 196 -3.48 -39.33 -16.06
C ILE A 196 -2.52 -38.29 -15.47
N ILE A 197 -1.68 -38.74 -14.53
CA ILE A 197 -0.68 -37.85 -13.85
C ILE A 197 0.69 -38.24 -14.36
N PRO A 198 1.64 -37.28 -14.36
CA PRO A 198 3.03 -37.55 -14.74
C PRO A 198 3.68 -38.80 -14.12
N GLU A 199 4.35 -39.62 -14.93
CA GLU A 199 5.12 -40.82 -14.42
C GLU A 199 5.95 -40.42 -13.18
N ASP A 200 6.54 -39.23 -13.19
CA ASP A 200 7.48 -38.75 -12.16
C ASP A 200 6.75 -37.93 -11.07
N THR A 201 5.53 -38.29 -10.72
CA THR A 201 4.80 -37.60 -9.63
C THR A 201 5.37 -38.13 -8.31
N PHE A 202 5.68 -37.24 -7.37
CA PHE A 202 6.36 -37.53 -6.07
C PHE A 202 5.31 -37.76 -4.96
N PHE A 203 5.38 -38.87 -4.24
CA PHE A 203 4.40 -39.20 -3.19
C PHE A 203 5.14 -39.36 -1.89
N PRO A 204 5.49 -38.26 -1.21
CA PRO A 204 6.24 -38.37 0.03
C PRO A 204 5.25 -38.87 1.07
N SER A 205 5.80 -39.51 2.09
CA SER A 205 5.06 -40.00 3.28
C SER A 205 5.07 -38.93 4.37
N PRO A 206 4.01 -39.01 5.18
CA PRO A 206 3.86 -38.31 6.45
C PRO A 206 4.93 -38.48 7.56
N GLU A 207 4.58 -37.94 8.73
CA GLU A 207 5.19 -38.06 10.09
C GLU A 207 6.69 -38.39 10.07
N SER A 208 7.06 -39.43 10.83
CA SER A 208 8.45 -39.79 11.26
C SER A 208 8.61 -41.33 11.31
N SER A 209 8.98 -41.93 12.46
CA SER A 209 9.71 -43.23 12.53
C SER A 209 8.94 -44.34 13.30
N THR B 2 -20.72 6.08 -10.48
CA THR B 2 -19.68 5.34 -11.27
C THR B 2 -20.02 5.53 -12.74
N LEU B 3 -21.25 5.13 -13.11
CA LEU B 3 -22.24 5.98 -13.86
C LEU B 3 -23.63 5.30 -13.96
N LEU B 4 -23.93 4.35 -13.06
CA LEU B 4 -25.21 3.57 -12.97
C LEU B 4 -25.14 2.78 -11.68
N GLU B 5 -26.10 2.94 -10.77
CA GLU B 5 -26.11 2.11 -9.55
C GLU B 5 -27.45 1.41 -9.46
N GLN B 6 -27.41 0.08 -9.34
CA GLN B 6 -28.61 -0.77 -9.24
C GLN B 6 -28.76 -1.26 -7.81
N ASN B 7 -29.97 -1.65 -7.44
CA ASN B 7 -30.29 -2.32 -6.16
C ASN B 7 -31.56 -3.13 -6.38
N PRO B 8 -31.77 -4.24 -5.64
CA PRO B 8 -30.73 -4.89 -4.84
C PRO B 8 -29.54 -5.46 -5.65
N ARG B 9 -28.44 -5.79 -4.99
CA ARG B 9 -27.24 -6.37 -5.64
C ARG B 9 -27.49 -7.88 -5.83
N TRP B 10 -28.04 -8.54 -4.81
CA TRP B 10 -28.42 -9.98 -4.82
C TRP B 10 -29.76 -10.13 -4.09
N ARG B 11 -30.49 -11.21 -4.35
CA ARG B 11 -31.81 -11.47 -3.71
C ARG B 11 -32.11 -12.96 -3.88
N LEU B 12 -32.50 -13.61 -2.79
CA LEU B 12 -33.15 -14.93 -2.77
C LEU B 12 -34.66 -14.75 -3.03
N VAL B 13 -35.25 -15.56 -3.91
CA VAL B 13 -36.69 -15.47 -4.31
C VAL B 13 -37.27 -16.89 -4.30
N PRO B 14 -38.36 -17.12 -3.56
CA PRO B 14 -39.02 -18.42 -3.57
C PRO B 14 -39.95 -18.51 -4.78
N ARG B 15 -39.86 -19.63 -5.51
CA ARG B 15 -40.51 -19.88 -6.82
C ARG B 15 -41.88 -19.19 -6.91
N GLY B 16 -42.26 -18.73 -8.11
CA GLY B 16 -43.56 -18.10 -8.38
C GLY B 16 -43.80 -16.92 -7.46
N GLN B 17 -42.82 -16.03 -7.29
CA GLN B 17 -42.99 -14.82 -6.46
C GLN B 17 -42.18 -13.69 -7.08
N ALA B 18 -42.60 -12.43 -6.78
CA ALA B 18 -42.14 -11.17 -7.42
C ALA B 18 -40.93 -10.61 -6.67
N VAL B 19 -40.23 -9.67 -7.33
CA VAL B 19 -39.17 -8.81 -6.72
C VAL B 19 -39.10 -7.55 -7.56
N ASN B 20 -38.89 -6.38 -6.92
CA ASN B 20 -38.74 -5.07 -7.61
C ASN B 20 -37.27 -4.69 -7.69
N LEU B 21 -36.88 -4.20 -8.86
CA LEU B 21 -35.48 -3.82 -9.14
C LEU B 21 -35.47 -2.32 -9.43
N ARG B 22 -34.36 -1.70 -9.05
CA ARG B 22 -34.09 -0.25 -9.19
C ARG B 22 -32.80 -0.05 -9.97
N CYS B 23 -32.78 0.90 -10.89
CA CYS B 23 -31.53 1.42 -11.50
C CYS B 23 -31.59 2.95 -11.58
N ILE B 24 -30.57 3.66 -11.10
CA ILE B 24 -30.53 5.15 -11.22
C ILE B 24 -29.30 5.61 -12.05
N LEU B 25 -29.54 6.40 -13.10
CA LEU B 25 -28.53 6.94 -14.06
C LEU B 25 -27.94 8.25 -13.53
N LYS B 26 -26.63 8.32 -13.32
CA LYS B 26 -26.01 9.47 -12.64
C LYS B 26 -25.21 10.29 -13.64
N ASN B 27 -25.69 10.38 -14.89
CA ASN B 27 -25.06 11.19 -15.96
C ASN B 27 -25.96 11.18 -17.20
N SER B 28 -26.36 12.37 -17.62
CA SER B 28 -27.34 12.56 -18.72
C SER B 28 -26.65 12.59 -20.09
N GLN B 29 -25.36 12.26 -20.17
CA GLN B 29 -24.62 12.21 -21.46
C GLN B 29 -25.09 10.95 -22.22
N TYR B 30 -25.56 9.94 -21.47
CA TYR B 30 -26.18 8.68 -21.98
C TYR B 30 -27.55 8.55 -21.33
N PRO B 31 -28.60 9.22 -21.84
CA PRO B 31 -29.92 9.17 -21.21
C PRO B 31 -30.98 8.15 -21.74
N TRP B 32 -30.59 7.21 -22.60
CA TRP B 32 -31.34 5.97 -22.90
C TRP B 32 -31.01 4.95 -21.84
N MET B 33 -32.01 4.28 -21.27
CA MET B 33 -31.69 3.14 -20.40
C MET B 33 -32.34 1.87 -20.97
N SER B 34 -31.69 0.74 -20.67
CA SER B 34 -32.09 -0.61 -21.11
C SER B 34 -32.06 -1.55 -19.92
N TRP B 35 -32.77 -2.65 -20.09
CA TRP B 35 -32.64 -3.88 -19.27
C TRP B 35 -32.22 -5.04 -20.15
N TYR B 36 -31.28 -5.83 -19.64
CA TYR B 36 -30.64 -7.02 -20.25
C TYR B 36 -30.67 -8.08 -19.16
N GLN B 37 -31.06 -9.30 -19.50
CA GLN B 37 -30.90 -10.43 -18.59
C GLN B 37 -29.74 -11.30 -19.09
N GLN B 38 -29.17 -12.01 -18.12
CA GLN B 38 -28.14 -13.05 -18.30
C GLN B 38 -28.67 -14.35 -17.70
N ASP B 39 -28.97 -15.33 -18.57
CA ASP B 39 -29.29 -16.75 -18.32
C ASP B 39 -28.31 -17.41 -17.36
N LEU B 40 -28.58 -18.61 -16.89
CA LEU B 40 -27.53 -19.40 -16.18
C LEU B 40 -26.60 -20.14 -17.15
N GLN B 41 -27.01 -20.33 -18.41
CA GLN B 41 -26.18 -20.78 -19.58
C GLN B 41 -25.30 -19.61 -20.09
N LYS B 42 -25.35 -18.46 -19.38
CA LYS B 42 -24.58 -17.17 -19.55
C LYS B 42 -24.88 -16.45 -20.90
N GLN B 43 -26.07 -16.66 -21.48
CA GLN B 43 -26.63 -15.82 -22.59
C GLN B 43 -27.14 -14.45 -22.12
N LEU B 44 -26.82 -13.40 -22.90
CA LEU B 44 -27.31 -12.00 -22.75
C LEU B 44 -28.44 -11.71 -23.75
N GLN B 45 -29.62 -11.36 -23.26
CA GLN B 45 -30.83 -11.05 -24.10
C GLN B 45 -31.30 -9.65 -23.70
N TRP B 46 -31.42 -8.76 -24.66
CA TRP B 46 -32.02 -7.42 -24.41
C TRP B 46 -33.48 -7.58 -24.00
N LEU B 47 -33.93 -6.90 -22.96
CA LEU B 47 -35.35 -6.94 -22.51
C LEU B 47 -36.08 -5.66 -22.96
N PHE B 48 -35.52 -4.51 -22.66
CA PHE B 48 -36.20 -3.22 -22.89
C PHE B 48 -35.16 -2.13 -23.04
N THR B 49 -35.45 -1.14 -23.89
CA THR B 49 -34.85 0.23 -23.87
C THR B 49 -35.97 1.27 -23.70
N LEU B 50 -35.88 2.12 -22.68
CA LEU B 50 -36.96 3.06 -22.27
C LEU B 50 -36.36 4.47 -22.13
N ARG B 51 -36.82 5.43 -22.94
CA ARG B 51 -36.12 6.73 -23.07
C ARG B 51 -36.74 7.77 -22.14
N SER B 52 -38.07 7.87 -22.15
CA SER B 52 -38.86 9.06 -21.70
C SER B 52 -39.63 8.72 -20.44
N PRO B 53 -39.78 9.61 -19.43
CA PRO B 53 -40.52 9.25 -18.22
C PRO B 53 -41.94 8.72 -18.50
N GLY B 54 -42.47 7.80 -17.67
CA GLY B 54 -43.85 7.29 -17.72
C GLY B 54 -44.14 6.14 -18.71
N ASP B 55 -43.26 5.85 -19.66
CA ASP B 55 -43.49 4.70 -20.59
C ASP B 55 -43.15 3.39 -19.84
N LYS B 56 -43.93 2.35 -20.12
CA LYS B 56 -43.91 1.03 -19.43
C LYS B 56 -43.95 -0.02 -20.54
N GLU B 57 -43.24 -1.13 -20.38
CA GLU B 57 -43.18 -2.21 -21.40
C GLU B 57 -43.23 -3.53 -20.65
N VAL B 58 -43.83 -4.50 -21.28
CA VAL B 58 -44.10 -5.82 -20.67
C VAL B 58 -43.43 -6.86 -21.57
N LYS B 59 -42.90 -7.94 -21.00
CA LYS B 59 -42.29 -9.04 -21.76
C LYS B 59 -42.40 -10.30 -20.91
N SER B 60 -42.49 -11.41 -21.60
CA SER B 60 -42.54 -12.76 -21.01
C SER B 60 -41.41 -13.58 -21.62
N LEU B 61 -40.54 -14.18 -20.82
CA LEU B 61 -39.38 -14.97 -21.32
C LEU B 61 -39.43 -16.34 -20.66
N PRO B 62 -38.75 -17.34 -21.23
CA PRO B 62 -38.49 -18.58 -20.53
C PRO B 62 -37.86 -18.24 -19.19
N GLY B 63 -38.62 -18.29 -18.11
CA GLY B 63 -38.12 -18.24 -16.74
C GLY B 63 -38.58 -17.02 -15.98
N ALA B 64 -39.22 -16.03 -16.60
CA ALA B 64 -39.69 -14.83 -15.88
C ALA B 64 -40.61 -13.97 -16.75
N ASP B 65 -41.53 -13.28 -16.11
CA ASP B 65 -42.36 -12.18 -16.67
C ASP B 65 -41.79 -10.86 -16.15
N TYR B 66 -41.90 -9.79 -16.92
CA TYR B 66 -41.16 -8.54 -16.63
C TYR B 66 -42.05 -7.34 -16.86
N LEU B 67 -42.08 -6.40 -15.93
CA LEU B 67 -42.65 -5.07 -16.19
C LEU B 67 -41.54 -4.02 -16.00
N ALA B 68 -41.27 -3.25 -17.05
CA ALA B 68 -40.21 -2.23 -17.10
C ALA B 68 -40.84 -0.87 -17.00
N THR B 69 -40.24 0.07 -16.27
CA THR B 69 -40.87 1.40 -16.03
C THR B 69 -39.80 2.46 -15.97
N ARG B 70 -39.78 3.45 -16.87
CA ARG B 70 -38.91 4.66 -16.74
C ARG B 70 -39.70 5.71 -15.94
N VAL B 71 -39.42 5.82 -14.65
CA VAL B 71 -40.20 6.69 -13.73
C VAL B 71 -39.81 8.16 -13.97
N THR B 72 -38.52 8.52 -13.84
CA THR B 72 -37.90 9.87 -14.03
C THR B 72 -36.88 9.85 -15.19
N ASP B 73 -36.11 10.93 -15.39
CA ASP B 73 -34.95 10.97 -16.35
C ASP B 73 -33.78 10.14 -15.78
N THR B 74 -33.76 9.85 -14.47
CA THR B 74 -32.64 9.14 -13.80
C THR B 74 -33.12 7.90 -13.01
N GLU B 75 -34.34 7.39 -13.25
CA GLU B 75 -34.86 6.17 -12.57
C GLU B 75 -35.54 5.24 -13.59
N LEU B 76 -35.05 4.00 -13.63
CA LEU B 76 -35.63 2.86 -14.36
C LEU B 76 -36.05 1.85 -13.28
N ARG B 77 -37.17 1.16 -13.45
CA ARG B 77 -37.58 0.09 -12.50
C ARG B 77 -37.90 -1.18 -13.27
N LEU B 78 -37.71 -2.33 -12.65
CA LEU B 78 -38.04 -3.65 -13.23
C LEU B 78 -38.82 -4.45 -12.18
N GLN B 79 -40.03 -4.83 -12.52
CA GLN B 79 -40.76 -5.86 -11.73
C GLN B 79 -40.55 -7.18 -12.46
N VAL B 80 -40.28 -8.23 -11.70
CA VAL B 80 -39.98 -9.57 -12.31
C VAL B 80 -40.78 -10.60 -11.52
N ALA B 81 -41.75 -11.21 -12.20
CA ALA B 81 -42.87 -11.99 -11.63
C ALA B 81 -42.71 -13.46 -12.04
N ASN B 82 -43.25 -14.39 -11.25
CA ASN B 82 -43.38 -15.81 -11.65
C ASN B 82 -42.00 -16.45 -11.58
N MET B 83 -41.18 -16.39 -12.59
CA MET B 83 -39.73 -16.65 -12.34
C MET B 83 -39.47 -18.06 -11.75
N SER B 84 -39.20 -19.02 -12.65
CA SER B 84 -38.78 -20.40 -12.30
C SER B 84 -37.24 -20.56 -12.40
N GLN B 85 -36.52 -19.62 -13.02
CA GLN B 85 -35.08 -19.85 -13.36
C GLN B 85 -34.29 -18.64 -12.85
N GLY B 86 -33.14 -18.86 -12.22
CA GLY B 86 -32.25 -17.76 -11.82
C GLY B 86 -31.68 -17.01 -13.00
N ARG B 87 -31.24 -15.78 -12.77
CA ARG B 87 -30.74 -14.83 -13.81
C ARG B 87 -29.99 -13.71 -13.14
N THR B 88 -29.28 -12.92 -13.95
CA THR B 88 -28.74 -11.61 -13.54
C THR B 88 -29.40 -10.56 -14.45
N LEU B 89 -29.79 -9.44 -13.87
CA LEU B 89 -30.45 -8.36 -14.63
C LEU B 89 -29.57 -7.12 -14.64
N TYR B 90 -29.23 -6.72 -15.85
CA TYR B 90 -28.29 -5.62 -16.09
C TYR B 90 -29.12 -4.49 -16.72
N CYS B 91 -29.08 -3.38 -16.01
CA CYS B 91 -29.38 -2.01 -16.46
C CYS B 91 -28.25 -1.52 -17.38
N THR B 92 -28.55 -0.84 -18.47
CA THR B 92 -27.48 -0.24 -19.30
C THR B 92 -27.91 1.12 -19.87
N CYS B 93 -27.00 2.09 -19.95
CA CYS B 93 -27.29 3.40 -20.57
C CYS B 93 -26.43 3.60 -21.82
N SER B 94 -26.83 4.51 -22.72
CA SER B 94 -26.21 4.80 -24.04
C SER B 94 -26.54 6.25 -24.46
N ALA B 95 -25.80 6.85 -25.40
CA ALA B 95 -26.06 8.19 -26.01
C ALA B 95 -27.17 8.12 -27.06
N GLY B 96 -27.64 6.92 -27.38
CA GLY B 96 -28.63 6.65 -28.44
C GLY B 96 -29.04 5.19 -28.38
N ARG B 97 -30.13 4.83 -29.09
CA ARG B 97 -30.54 3.51 -29.65
C ARG B 97 -29.90 2.30 -28.95
N GLY B 98 -29.66 1.25 -29.75
CA GLY B 98 -28.58 0.26 -29.54
C GLY B 98 -27.29 0.71 -30.20
N GLY B 99 -27.27 0.72 -31.54
CA GLY B 99 -26.07 0.86 -32.38
C GLY B 99 -25.40 2.21 -32.21
N TYR B 100 -26.06 3.31 -32.61
CA TYR B 100 -25.55 4.68 -32.41
C TYR B 100 -24.98 4.69 -30.99
N ALA B 101 -23.69 5.03 -30.82
CA ALA B 101 -22.92 4.84 -29.57
C ALA B 101 -23.27 3.49 -28.92
N GLU B 102 -22.69 3.17 -27.78
CA GLU B 102 -22.65 1.77 -27.26
C GLU B 102 -23.27 1.72 -25.85
N GLN B 103 -23.53 0.50 -25.35
CA GLN B 103 -24.11 0.27 -24.00
C GLN B 103 -23.02 0.13 -22.94
N PHE B 104 -23.27 0.64 -21.75
CA PHE B 104 -22.38 0.52 -20.57
C PHE B 104 -23.16 -0.16 -19.45
N PHE B 105 -22.82 -1.40 -19.13
CA PHE B 105 -23.56 -2.23 -18.16
C PHE B 105 -23.27 -1.78 -16.73
N GLY B 106 -24.28 -1.83 -15.87
CA GLY B 106 -24.15 -1.55 -14.44
C GLY B 106 -23.66 -2.81 -13.74
N PRO B 107 -23.67 -2.85 -12.38
CA PRO B 107 -23.15 -3.97 -11.60
C PRO B 107 -23.98 -5.25 -11.60
N GLY B 108 -25.28 -5.13 -11.93
CA GLY B 108 -26.23 -6.25 -11.96
C GLY B 108 -26.87 -6.56 -10.61
N THR B 109 -28.07 -7.17 -10.68
CA THR B 109 -28.82 -7.85 -9.60
C THR B 109 -28.85 -9.36 -9.87
N ARG B 110 -28.27 -10.19 -9.01
CA ARG B 110 -28.28 -11.66 -9.23
C ARG B 110 -29.49 -12.22 -8.50
N LEU B 111 -30.43 -12.87 -9.18
CA LEU B 111 -31.67 -13.40 -8.59
C LEU B 111 -31.58 -14.92 -8.56
N THR B 112 -31.59 -15.52 -7.37
CA THR B 112 -31.47 -17.00 -7.24
C THR B 112 -32.86 -17.52 -6.87
N VAL B 113 -33.30 -18.58 -7.51
CA VAL B 113 -34.65 -19.17 -7.32
C VAL B 113 -34.51 -20.45 -6.48
N LEU B 114 -35.42 -20.65 -5.51
CA LEU B 114 -35.52 -21.86 -4.64
C LEU B 114 -36.88 -22.51 -4.88
N GLU B 115 -36.97 -23.82 -5.15
CA GLU B 115 -38.32 -24.42 -5.32
C GLU B 115 -38.93 -24.58 -3.92
N ASP B 116 -38.08 -24.89 -2.94
CA ASP B 116 -38.40 -25.01 -1.49
C ASP B 116 -37.63 -23.90 -0.76
N LEU B 117 -37.29 -24.09 0.51
CA LEU B 117 -36.79 -23.02 1.41
C LEU B 117 -36.10 -23.68 2.61
N LYS B 118 -36.51 -24.90 2.97
CA LYS B 118 -35.84 -25.77 3.98
C LYS B 118 -34.89 -26.72 3.28
N ASN B 119 -34.26 -26.30 2.18
CA ASN B 119 -33.05 -26.95 1.65
C ASN B 119 -31.84 -26.07 1.99
N VAL B 120 -32.12 -24.83 2.41
CA VAL B 120 -31.10 -23.76 2.64
C VAL B 120 -30.24 -24.15 3.84
N PHE B 121 -28.93 -24.16 3.68
CA PHE B 121 -27.97 -24.51 4.75
C PHE B 121 -26.76 -23.61 4.63
N PRO B 122 -26.16 -23.17 5.72
CA PRO B 122 -24.90 -22.44 5.63
C PRO B 122 -23.74 -23.42 5.53
N PRO B 123 -22.56 -22.93 5.07
CA PRO B 123 -21.37 -23.76 4.96
C PRO B 123 -20.78 -24.09 6.34
N GLU B 124 -20.31 -25.32 6.49
CA GLU B 124 -19.20 -25.65 7.41
C GLU B 124 -17.88 -25.27 6.72
N VAL B 125 -16.96 -24.67 7.47
CA VAL B 125 -15.63 -24.21 6.98
C VAL B 125 -14.54 -24.92 7.77
N ALA B 126 -13.57 -25.47 7.06
CA ALA B 126 -12.41 -26.14 7.66
C ALA B 126 -11.17 -25.58 6.98
N VAL B 127 -10.12 -25.39 7.79
CA VAL B 127 -8.74 -25.06 7.35
C VAL B 127 -7.81 -26.26 7.57
N PHE B 128 -6.89 -26.46 6.64
CA PHE B 128 -5.95 -27.59 6.59
C PHE B 128 -4.53 -27.01 6.45
N GLU B 129 -3.64 -27.41 7.35
CA GLU B 129 -2.33 -26.75 7.52
C GLU B 129 -1.34 -27.43 6.60
N PRO B 130 -0.27 -26.70 6.22
CA PRO B 130 0.67 -27.17 5.21
C PRO B 130 1.27 -28.51 5.65
N SER B 131 1.56 -29.41 4.70
CA SER B 131 2.25 -30.68 4.98
C SER B 131 3.72 -30.36 5.21
N GLU B 132 4.33 -31.15 6.09
CA GLU B 132 5.78 -31.07 6.42
C GLU B 132 6.62 -31.48 5.19
N ALA B 133 6.13 -32.40 4.37
CA ALA B 133 6.82 -32.89 3.16
C ALA B 133 6.87 -31.77 2.12
N GLU B 134 5.77 -31.04 1.92
CA GLU B 134 5.73 -29.93 0.96
C GLU B 134 6.75 -28.90 1.42
N ILE B 135 6.73 -28.58 2.71
CA ILE B 135 7.61 -27.53 3.26
C ILE B 135 9.03 -27.94 2.93
N SER B 136 9.42 -29.19 3.10
CA SER B 136 10.86 -29.58 2.89
C SER B 136 11.19 -29.70 1.38
N HIS B 137 10.29 -30.16 0.54
CA HIS B 137 10.59 -30.32 -0.92
C HIS B 137 10.70 -28.94 -1.56
N THR B 138 9.85 -27.96 -1.20
CA THR B 138 9.53 -26.79 -2.06
C THR B 138 9.84 -25.48 -1.32
N GLN B 139 10.15 -25.54 -0.03
CA GLN B 139 10.13 -24.41 0.96
C GLN B 139 8.98 -23.43 0.63
N LYS B 140 7.79 -23.99 0.37
CA LYS B 140 6.51 -23.26 0.33
C LYS B 140 5.50 -24.05 1.15
N ALA B 141 4.38 -23.42 1.51
CA ALA B 141 3.41 -23.94 2.51
C ALA B 141 2.01 -23.59 2.05
N THR B 142 1.24 -24.61 1.70
CA THR B 142 -0.10 -24.48 1.08
C THR B 142 -1.14 -24.84 2.12
N LEU B 143 -1.80 -23.81 2.65
CA LEU B 143 -3.04 -24.01 3.42
C LEU B 143 -4.17 -24.29 2.45
N VAL B 144 -5.16 -25.07 2.86
CA VAL B 144 -6.37 -25.33 2.04
C VAL B 144 -7.55 -25.03 2.94
N CYS B 145 -8.62 -24.57 2.34
CA CYS B 145 -9.86 -24.27 3.03
C CYS B 145 -11.02 -24.96 2.33
N LEU B 146 -11.85 -25.66 3.09
CA LEU B 146 -13.02 -26.37 2.55
C LEU B 146 -14.28 -25.72 3.10
N ALA B 147 -15.14 -25.27 2.20
CA ALA B 147 -16.50 -24.83 2.50
C ALA B 147 -17.41 -25.95 2.01
N THR B 148 -18.06 -26.68 2.91
CA THR B 148 -18.87 -27.85 2.55
C THR B 148 -20.29 -27.67 3.08
N GLY B 149 -21.25 -28.22 2.35
CA GLY B 149 -22.61 -28.43 2.84
C GLY B 149 -23.52 -27.22 2.75
N PHE B 150 -23.25 -26.24 1.86
CA PHE B 150 -24.13 -25.07 1.70
C PHE B 150 -25.08 -25.31 0.55
N TYR B 151 -26.21 -24.65 0.64
CA TYR B 151 -27.22 -24.51 -0.42
C TYR B 151 -28.00 -23.24 -0.14
N PRO B 152 -28.14 -22.28 -1.07
CA PRO B 152 -27.72 -22.41 -2.45
C PRO B 152 -26.30 -21.87 -2.60
N ASP B 153 -25.80 -21.90 -3.84
CA ASP B 153 -24.36 -21.78 -4.24
C ASP B 153 -23.76 -20.37 -4.11
N HIS B 154 -24.44 -19.42 -3.48
CA HIS B 154 -23.91 -18.03 -3.39
C HIS B 154 -22.99 -17.91 -2.15
N VAL B 155 -21.72 -18.31 -2.27
CA VAL B 155 -20.65 -17.99 -1.27
C VAL B 155 -19.55 -17.16 -1.93
N GLU B 156 -19.09 -16.08 -1.30
CA GLU B 156 -17.79 -15.42 -1.59
C GLU B 156 -16.81 -15.88 -0.51
N LEU B 157 -15.63 -16.33 -0.90
CA LEU B 157 -14.55 -16.86 -0.02
C LEU B 157 -13.36 -15.90 -0.02
N SER B 158 -12.67 -15.76 1.10
CA SER B 158 -11.56 -14.80 1.25
C SER B 158 -10.59 -15.30 2.30
N TRP B 159 -9.30 -15.06 2.07
CA TRP B 159 -8.21 -15.29 3.03
C TRP B 159 -7.86 -13.96 3.70
N TRP B 160 -7.57 -14.02 5.00
CA TRP B 160 -7.15 -12.89 5.85
C TRP B 160 -5.88 -13.32 6.57
N VAL B 161 -4.81 -12.54 6.48
CA VAL B 161 -3.50 -12.86 7.13
C VAL B 161 -3.14 -11.73 8.08
N ASN B 162 -3.14 -12.02 9.39
CA ASN B 162 -2.89 -11.01 10.45
C ASN B 162 -3.89 -9.84 10.31
N GLY B 163 -5.18 -10.13 10.14
CA GLY B 163 -6.23 -9.11 10.02
C GLY B 163 -6.39 -8.53 8.61
N LYS B 164 -5.39 -8.62 7.73
CA LYS B 164 -5.45 -8.01 6.37
C LYS B 164 -5.94 -9.05 5.36
N GLU B 165 -6.87 -8.64 4.53
CA GLU B 165 -7.34 -9.37 3.31
C GLU B 165 -6.15 -9.59 2.35
N VAL B 166 -5.86 -10.85 1.97
CA VAL B 166 -4.78 -11.12 0.98
C VAL B 166 -5.40 -11.61 -0.33
N HIS B 167 -4.78 -11.29 -1.45
CA HIS B 167 -5.20 -11.68 -2.83
C HIS B 167 -4.10 -12.51 -3.49
N SER B 168 -2.84 -12.05 -3.40
CA SER B 168 -1.63 -12.75 -3.87
C SER B 168 -1.58 -14.13 -3.20
N GLY B 169 -1.09 -15.13 -3.92
CA GLY B 169 -0.87 -16.51 -3.44
C GLY B 169 -2.15 -17.31 -3.32
N VAL B 170 -3.30 -16.82 -3.81
CA VAL B 170 -4.64 -17.40 -3.50
C VAL B 170 -5.23 -17.96 -4.77
N CYS B 171 -5.95 -19.06 -4.68
CA CYS B 171 -6.67 -19.61 -5.85
C CYS B 171 -7.86 -20.39 -5.31
N THR B 172 -9.05 -19.87 -5.59
CA THR B 172 -10.36 -20.40 -5.18
C THR B 172 -10.97 -21.07 -6.39
N ASP B 173 -11.71 -22.17 -6.26
CA ASP B 173 -12.28 -22.86 -7.44
C ASP B 173 -13.21 -21.88 -8.12
N PRO B 174 -13.29 -21.92 -9.47
CA PRO B 174 -14.01 -20.91 -10.23
C PRO B 174 -15.49 -21.05 -9.88
N GLN B 175 -16.03 -22.27 -9.95
CA GLN B 175 -17.41 -22.52 -9.44
C GLN B 175 -17.34 -23.67 -8.43
N PRO B 176 -18.36 -23.81 -7.55
CA PRO B 176 -18.36 -24.86 -6.55
C PRO B 176 -18.75 -26.16 -7.25
N LEU B 177 -18.70 -27.28 -6.54
CA LEU B 177 -19.12 -28.59 -7.08
C LEU B 177 -20.16 -29.27 -6.16
N LYS B 178 -20.94 -30.20 -6.71
CA LYS B 178 -22.17 -30.77 -6.10
C LYS B 178 -21.77 -32.01 -5.29
N GLU B 179 -22.30 -32.13 -4.08
CA GLU B 179 -21.92 -33.24 -3.17
C GLU B 179 -22.80 -34.44 -3.52
N GLN B 180 -24.06 -34.18 -3.86
CA GLN B 180 -25.06 -35.22 -4.25
C GLN B 180 -25.37 -35.02 -5.74
N PRO B 181 -24.43 -35.41 -6.67
CA PRO B 181 -24.36 -34.82 -8.02
C PRO B 181 -25.48 -35.43 -8.86
N ALA B 182 -26.38 -34.56 -9.36
CA ALA B 182 -27.79 -34.84 -9.70
C ALA B 182 -28.61 -35.11 -8.43
N LEU B 183 -29.60 -34.23 -8.20
CA LEU B 183 -30.40 -33.98 -6.96
C LEU B 183 -30.68 -32.47 -6.96
N ASN B 184 -31.79 -32.03 -7.60
CA ASN B 184 -32.03 -30.62 -8.03
C ASN B 184 -31.89 -29.61 -6.88
N ASP B 185 -31.87 -30.07 -5.61
CA ASP B 185 -31.65 -29.24 -4.39
C ASP B 185 -30.30 -29.64 -3.75
N SER B 186 -29.31 -30.04 -4.56
CA SER B 186 -28.00 -30.56 -4.08
C SER B 186 -27.33 -29.51 -3.20
N ARG B 187 -26.46 -29.96 -2.30
CA ARG B 187 -25.59 -29.07 -1.51
C ARG B 187 -24.24 -28.97 -2.21
N TYR B 188 -23.57 -27.83 -2.05
CA TYR B 188 -22.30 -27.53 -2.76
C TYR B 188 -21.13 -27.53 -1.79
N ALA B 189 -19.93 -27.81 -2.30
CA ALA B 189 -18.61 -27.63 -1.63
C ALA B 189 -17.73 -26.70 -2.46
N LEU B 190 -16.83 -25.98 -1.82
CA LEU B 190 -15.90 -25.08 -2.51
C LEU B 190 -14.53 -25.20 -1.84
N SER B 191 -13.47 -24.95 -2.58
CA SER B 191 -12.07 -25.21 -2.18
C SER B 191 -11.29 -23.93 -2.39
N SER B 192 -10.31 -23.63 -1.56
CA SER B 192 -9.41 -22.50 -1.87
C SER B 192 -8.03 -22.78 -1.32
N ARG B 193 -7.06 -22.05 -1.83
CA ARG B 193 -5.63 -22.36 -1.59
C ARG B 193 -4.93 -21.07 -1.25
N LEU B 194 -4.15 -21.07 -0.18
CA LEU B 194 -3.24 -19.94 0.12
C LEU B 194 -1.84 -20.49 0.25
N ARG B 195 -0.91 -19.90 -0.49
CA ARG B 195 0.48 -20.37 -0.50
C ARG B 195 1.43 -19.24 -0.16
N VAL B 196 2.17 -19.44 0.92
CA VAL B 196 3.16 -18.48 1.48
C VAL B 196 4.49 -19.21 1.44
N SER B 197 5.62 -18.54 1.62
CA SER B 197 6.90 -19.25 1.77
C SER B 197 6.87 -20.04 3.10
N ALA B 198 7.66 -21.09 3.24
CA ALA B 198 7.70 -21.91 4.46
C ALA B 198 8.05 -21.06 5.71
N THR B 199 8.97 -20.11 5.59
CA THR B 199 9.44 -19.26 6.72
C THR B 199 8.31 -18.31 7.17
N PHE B 200 7.40 -17.93 6.28
CA PHE B 200 6.21 -17.12 6.60
C PHE B 200 5.27 -17.94 7.49
N TRP B 201 4.99 -19.17 7.12
CA TRP B 201 4.16 -20.13 7.90
C TRP B 201 4.82 -20.45 9.23
N GLN B 202 6.15 -20.57 9.23
CA GLN B 202 6.91 -21.14 10.36
C GLN B 202 6.97 -20.14 11.49
N ASN B 203 6.60 -18.87 11.24
CA ASN B 203 6.58 -17.79 12.27
C ASN B 203 5.28 -17.89 13.04
N PRO B 204 5.29 -18.12 14.38
CA PRO B 204 4.03 -18.29 15.11
C PRO B 204 3.36 -16.96 15.46
N ARG B 205 4.02 -15.83 15.17
CA ARG B 205 3.36 -14.50 15.14
C ARG B 205 2.19 -14.56 14.14
N ASN B 206 2.36 -15.24 13.00
CA ASN B 206 1.48 -15.16 11.81
C ASN B 206 0.17 -15.93 12.00
N HIS B 207 -0.94 -15.26 11.69
CA HIS B 207 -2.33 -15.71 11.85
C HIS B 207 -2.97 -15.80 10.46
N PHE B 208 -3.70 -16.89 10.20
CA PHE B 208 -4.34 -17.23 8.91
C PHE B 208 -5.79 -17.58 9.18
N ARG B 209 -6.73 -16.87 8.55
CA ARG B 209 -8.18 -17.15 8.59
C ARG B 209 -8.71 -17.34 7.16
N CYS B 210 -9.34 -18.46 6.89
CA CYS B 210 -10.27 -18.69 5.77
C CYS B 210 -11.67 -18.23 6.19
N GLN B 211 -12.30 -17.41 5.37
CA GLN B 211 -13.59 -16.75 5.67
C GLN B 211 -14.57 -16.96 4.50
N VAL B 212 -15.80 -17.34 4.83
CA VAL B 212 -16.85 -17.55 3.81
C VAL B 212 -18.03 -16.67 4.20
N GLN B 213 -18.46 -15.87 3.23
CA GLN B 213 -19.72 -15.10 3.27
C GLN B 213 -20.81 -15.95 2.60
N PHE B 214 -21.78 -16.39 3.38
CA PHE B 214 -22.93 -17.13 2.82
C PHE B 214 -24.10 -16.17 2.71
N TYR B 215 -24.60 -15.99 1.50
CA TYR B 215 -25.91 -15.33 1.24
C TYR B 215 -27.01 -16.41 1.27
N GLY B 216 -27.97 -16.22 2.18
CA GLY B 216 -29.16 -17.08 2.37
C GLY B 216 -30.36 -16.26 2.79
N LEU B 217 -31.14 -16.73 3.77
CA LEU B 217 -32.49 -16.17 4.07
C LEU B 217 -32.38 -14.76 4.60
N SER B 218 -33.38 -13.96 4.21
CA SER B 218 -33.44 -12.49 4.33
C SER B 218 -33.55 -12.08 5.80
N GLU B 219 -33.74 -10.78 6.01
CA GLU B 219 -34.25 -10.14 7.25
C GLU B 219 -35.27 -11.07 7.92
N ASN B 220 -36.52 -11.09 7.42
CA ASN B 220 -37.55 -12.08 7.85
C ASN B 220 -38.10 -12.81 6.61
N ASP B 221 -38.44 -14.08 6.81
CA ASP B 221 -38.86 -15.09 5.80
C ASP B 221 -39.58 -16.19 6.58
N GLU B 222 -40.28 -17.07 5.85
CA GLU B 222 -41.22 -18.05 6.45
C GLU B 222 -40.42 -19.22 7.03
N TRP B 223 -39.87 -19.05 8.23
CA TRP B 223 -39.04 -20.11 8.87
C TRP B 223 -39.87 -20.86 9.92
N THR B 224 -40.56 -21.93 9.51
CA THR B 224 -41.47 -22.75 10.37
C THR B 224 -40.67 -23.83 11.09
N GLN B 225 -39.42 -24.03 10.67
CA GLN B 225 -38.57 -25.17 11.11
C GLN B 225 -38.11 -24.92 12.55
N ASP B 226 -37.52 -25.95 13.15
CA ASP B 226 -37.00 -25.96 14.55
C ASP B 226 -35.53 -25.56 14.55
N ARG B 227 -34.75 -26.04 13.57
CA ARG B 227 -33.30 -25.72 13.46
C ARG B 227 -33.10 -24.22 13.25
N ALA B 228 -31.87 -23.72 13.46
CA ALA B 228 -31.48 -22.29 13.40
C ALA B 228 -31.77 -21.74 12.00
N LYS B 229 -32.10 -20.46 11.92
CA LYS B 229 -32.42 -19.76 10.64
C LYS B 229 -31.11 -19.58 9.85
N PRO B 230 -31.02 -20.14 8.61
CA PRO B 230 -29.83 -20.04 7.77
C PRO B 230 -29.71 -18.67 7.08
N VAL B 231 -29.46 -17.66 7.89
CA VAL B 231 -29.40 -16.25 7.42
C VAL B 231 -28.04 -16.01 6.74
N THR B 232 -27.96 -14.93 6.00
CA THR B 232 -26.68 -14.33 5.54
C THR B 232 -25.78 -14.27 6.80
N GLN B 233 -24.51 -14.61 6.63
CA GLN B 233 -23.55 -14.84 7.74
C GLN B 233 -22.18 -15.18 7.16
N ILE B 234 -21.19 -14.96 8.00
CA ILE B 234 -19.76 -15.21 7.73
C ILE B 234 -19.43 -16.42 8.62
N VAL B 235 -19.00 -17.53 8.02
CA VAL B 235 -18.46 -18.70 8.76
C VAL B 235 -16.97 -18.70 8.48
N SER B 236 -16.16 -18.92 9.50
CA SER B 236 -14.68 -18.86 9.42
C SER B 236 -14.06 -20.09 10.08
N ALA B 237 -12.80 -20.34 9.71
CA ALA B 237 -11.84 -21.24 10.38
C ALA B 237 -10.46 -20.60 10.29
N GLU B 238 -9.58 -20.94 11.23
CA GLU B 238 -8.31 -20.21 11.46
C GLU B 238 -7.25 -21.20 11.95
N ALA B 239 -6.00 -20.85 11.73
CA ALA B 239 -4.81 -21.62 12.15
C ALA B 239 -3.71 -20.62 12.50
N TRP B 240 -2.73 -21.06 13.26
CA TRP B 240 -1.56 -20.23 13.63
C TRP B 240 -0.35 -20.80 12.92
N GLY B 241 0.66 -19.97 12.66
CA GLY B 241 1.98 -20.43 12.24
C GLY B 241 2.61 -21.38 13.25
N ARG B 242 2.93 -22.59 12.78
CA ARG B 242 3.58 -23.70 13.51
C ARG B 242 5.08 -23.58 13.20
N ALA B 243 5.87 -22.97 14.09
CA ALA B 243 7.32 -23.25 14.25
C ALA B 243 7.35 -24.64 14.87
N ASP B 244 7.73 -25.65 14.09
CA ASP B 244 7.36 -27.05 14.45
C ASP B 244 8.60 -27.91 14.72
N ASP C 2 6.41 44.19 20.87
CA ASP C 2 7.60 44.12 19.94
C ASP C 2 7.70 42.76 19.28
N SER C 3 7.81 42.70 17.95
CA SER C 3 7.60 41.44 17.20
C SER C 3 8.36 41.38 15.87
N VAL C 4 8.64 40.17 15.42
CA VAL C 4 9.18 39.88 14.07
C VAL C 4 8.16 39.00 13.33
N THR C 5 7.97 39.27 12.05
CA THR C 5 7.29 38.39 11.06
C THR C 5 8.29 38.03 9.96
N GLN C 6 8.56 36.73 9.77
CA GLN C 6 9.17 36.14 8.54
C GLN C 6 8.02 35.59 7.72
N THR C 7 7.68 36.21 6.60
CA THR C 7 6.29 36.23 6.08
C THR C 7 5.90 34.83 5.54
N GLU C 8 6.80 33.85 5.66
CA GLU C 8 6.60 32.52 5.04
C GLU C 8 7.12 31.46 6.01
N GLY C 9 6.52 30.26 5.96
CA GLY C 9 6.95 29.07 6.73
C GLY C 9 8.07 28.27 6.08
N GLN C 10 7.91 27.93 4.78
CA GLN C 10 8.78 27.03 3.96
C GLN C 10 9.18 27.69 2.64
N VAL C 11 10.35 27.32 2.11
CA VAL C 11 10.87 27.73 0.76
C VAL C 11 11.59 26.51 0.20
N ALA C 12 11.26 26.15 -1.04
CA ALA C 12 11.87 25.06 -1.83
C ALA C 12 12.47 25.64 -3.12
N LEU C 13 13.73 25.38 -3.34
CA LEU C 13 14.45 26.01 -4.46
C LEU C 13 15.30 24.93 -5.12
N SER C 14 15.71 25.16 -6.34
CA SER C 14 16.74 24.33 -7.00
C SER C 14 18.12 24.94 -6.76
N GLU C 15 19.16 24.12 -6.74
CA GLU C 15 20.56 24.58 -6.69
C GLU C 15 20.72 25.75 -7.67
N GLU C 16 21.52 26.76 -7.31
CA GLU C 16 21.81 27.97 -8.11
C GLU C 16 20.59 28.89 -8.28
N ASP C 17 19.44 28.67 -7.63
CA ASP C 17 18.27 29.59 -7.69
C ASP C 17 18.50 30.83 -6.80
N PHE C 18 17.77 31.90 -7.09
CA PHE C 18 17.79 33.16 -6.32
C PHE C 18 16.97 32.97 -5.05
N LEU C 19 17.52 33.33 -3.91
CA LEU C 19 16.84 33.23 -2.60
C LEU C 19 16.53 34.61 -2.03
N THR C 20 15.30 34.79 -1.53
CA THR C 20 14.97 35.95 -0.67
C THR C 20 13.96 35.49 0.38
N ILE C 21 14.31 35.62 1.66
CA ILE C 21 13.41 35.36 2.80
C ILE C 21 12.99 36.72 3.38
N HIS C 22 11.69 36.98 3.57
CA HIS C 22 11.18 38.21 4.23
C HIS C 22 11.20 38.11 5.78
N CYS C 23 11.71 39.20 6.36
CA CYS C 23 11.62 39.66 7.76
C CYS C 23 11.07 41.10 7.77
N ASN C 24 9.99 41.33 8.50
CA ASN C 24 9.42 42.66 8.84
C ASN C 24 9.39 42.72 10.37
N TYR C 25 9.47 43.90 10.96
CA TYR C 25 9.50 44.04 12.44
C TYR C 25 8.48 45.12 12.81
N SER C 26 7.97 45.00 14.02
CA SER C 26 7.09 45.98 14.66
C SER C 26 7.73 46.29 16.01
N ALA C 27 8.36 47.46 16.16
CA ALA C 27 9.10 47.86 17.37
C ALA C 27 8.94 49.36 17.66
N SER C 28 9.08 49.73 18.92
CA SER C 28 9.41 51.13 19.30
C SER C 28 10.95 51.27 19.34
N GLY C 29 11.45 52.46 19.54
CA GLY C 29 12.89 52.70 19.41
C GLY C 29 13.47 52.29 18.05
N TYR C 30 14.73 51.82 18.08
CA TYR C 30 15.65 51.70 16.92
C TYR C 30 16.43 50.40 17.12
N PRO C 31 15.77 49.25 16.83
CA PRO C 31 16.30 47.95 17.19
C PRO C 31 17.49 47.57 16.30
N ALA C 32 18.42 46.81 16.88
CA ALA C 32 19.39 45.94 16.19
C ALA C 32 18.68 44.64 15.72
N LEU C 33 19.05 44.22 14.51
CA LEU C 33 18.40 43.11 13.80
C LEU C 33 19.48 42.12 13.36
N PHE C 34 19.16 40.84 13.46
CA PHE C 34 20.11 39.73 13.23
C PHE C 34 19.50 38.71 12.30
N TRP C 35 20.39 37.96 11.65
CA TRP C 35 20.00 36.65 11.11
C TRP C 35 20.80 35.56 11.81
N TYR C 36 20.11 34.45 12.03
CA TYR C 36 20.67 33.17 12.51
C TYR C 36 20.20 32.08 11.56
N VAL C 37 21.02 31.03 11.42
CA VAL C 37 20.72 29.82 10.62
C VAL C 37 20.87 28.64 11.56
N GLN C 38 20.00 27.64 11.44
CA GLN C 38 20.15 26.37 12.18
C GLN C 38 20.17 25.20 11.20
N TYR C 39 21.30 24.46 11.14
CA TYR C 39 21.42 23.19 10.37
C TYR C 39 20.92 22.05 11.24
N PRO C 40 20.46 20.94 10.58
CA PRO C 40 19.80 19.84 11.29
C PRO C 40 20.77 19.23 12.32
N GLY C 41 20.31 18.99 13.55
CA GLY C 41 21.12 18.33 14.58
C GLY C 41 21.95 19.31 15.40
N GLU C 42 22.16 20.54 14.89
CA GLU C 42 22.97 21.60 15.58
C GLU C 42 22.08 22.68 16.20
N GLY C 43 22.74 23.56 16.97
CA GLY C 43 22.17 24.79 17.54
C GLY C 43 22.28 25.98 16.57
N PRO C 44 21.48 27.05 16.79
CA PRO C 44 21.52 28.23 15.92
C PRO C 44 22.92 28.82 15.81
N GLN C 45 23.19 29.55 14.73
CA GLN C 45 24.52 30.08 14.38
C GLN C 45 24.37 31.55 14.00
N PHE C 46 25.13 32.41 14.62
CA PHE C 46 25.17 33.82 14.19
C PHE C 46 25.55 33.83 12.71
N LEU C 47 24.82 34.61 11.89
CA LEU C 47 25.05 35.03 10.47
C LEU C 47 25.53 36.48 10.45
N PHE C 48 24.72 37.45 10.92
CA PHE C 48 25.20 38.86 11.00
C PHE C 48 24.17 39.76 11.67
N ARG C 49 24.60 40.97 12.02
CA ARG C 49 23.77 42.05 12.63
C ARG C 49 23.85 43.34 11.81
N ALA C 50 22.95 44.23 12.12
CA ALA C 50 22.81 45.56 11.53
C ALA C 50 21.98 46.33 12.55
N SER C 51 22.29 47.62 12.74
CA SER C 51 21.62 48.49 13.74
C SER C 51 21.26 49.85 13.16
N ARG C 52 21.73 50.17 11.94
CA ARG C 52 21.46 51.49 11.33
C ARG C 52 20.78 51.27 9.99
N ASP C 53 19.82 52.14 9.63
CA ASP C 53 19.19 52.20 8.30
C ASP C 53 20.34 52.29 7.31
N LYS C 54 20.31 51.39 6.31
CA LYS C 54 21.18 51.32 5.12
C LYS C 54 22.47 50.55 5.44
N GLU C 55 22.60 50.01 6.65
CA GLU C 55 23.73 49.12 7.00
C GLU C 55 23.42 47.74 6.39
N LYS C 56 24.40 47.15 5.73
CA LYS C 56 24.30 45.82 5.09
C LYS C 56 25.12 44.88 5.94
N GLY C 57 24.62 43.69 6.22
CA GLY C 57 25.38 42.58 6.83
C GLY C 57 25.66 41.49 5.80
N SER C 58 26.79 40.76 5.90
CA SER C 58 27.14 39.64 4.98
C SER C 58 27.95 38.57 5.69
N SER C 59 27.68 37.32 5.33
CA SER C 59 28.33 36.10 5.82
C SER C 59 28.03 34.98 4.82
N ARG C 60 29.04 34.25 4.33
CA ARG C 60 28.98 33.14 3.33
C ARG C 60 28.01 33.38 2.15
N GLY C 61 28.12 34.51 1.47
CA GLY C 61 27.35 34.83 0.24
C GLY C 61 25.94 35.25 0.55
N PHE C 62 25.55 35.35 1.80
CA PHE C 62 24.24 35.87 2.24
C PHE C 62 24.37 37.35 2.62
N GLU C 63 23.29 38.09 2.43
CA GLU C 63 23.25 39.52 2.81
C GLU C 63 21.84 40.01 3.00
N ALA C 64 21.73 40.99 3.88
CA ALA C 64 20.49 41.75 4.11
C ALA C 64 20.87 43.19 4.40
N THR C 65 19.96 44.10 4.07
CA THR C 65 20.11 45.55 4.32
C THR C 65 18.96 46.03 5.23
N TYR C 66 19.34 46.74 6.29
CA TYR C 66 18.44 47.43 7.23
C TYR C 66 17.70 48.52 6.44
N ASN C 67 16.36 48.40 6.37
CA ASN C 67 15.43 49.39 5.77
C ASN C 67 14.41 49.83 6.82
N LYS C 68 14.65 50.98 7.42
CA LYS C 68 13.79 51.58 8.48
C LYS C 68 12.43 51.96 7.89
N GLU C 69 12.40 52.47 6.64
CA GLU C 69 11.16 52.94 5.98
C GLU C 69 10.13 51.82 6.07
N THR C 70 10.45 50.63 5.57
CA THR C 70 9.51 49.47 5.44
C THR C 70 9.66 48.53 6.64
N THR C 71 10.40 48.93 7.69
CA THR C 71 10.81 48.08 8.85
C THR C 71 11.14 46.66 8.38
N SER C 72 12.15 46.51 7.54
CA SER C 72 12.48 45.24 6.83
C SER C 72 13.99 45.00 6.91
N PHE C 73 14.36 43.74 6.98
CA PHE C 73 15.75 43.22 6.91
C PHE C 73 15.69 41.85 6.20
N HIS C 74 15.42 41.83 4.91
CA HIS C 74 15.21 40.59 4.13
C HIS C 74 16.56 39.97 3.79
N LEU C 75 16.66 38.67 4.06
CA LEU C 75 17.80 37.81 3.65
C LEU C 75 17.69 37.43 2.18
N GLN C 76 18.83 37.41 1.51
CA GLN C 76 18.93 37.11 0.07
C GLN C 76 20.29 36.48 -0.27
N LYS C 77 20.29 35.60 -1.27
CA LYS C 77 21.52 34.99 -1.81
C LYS C 77 21.36 34.78 -3.32
N ALA C 78 22.33 35.25 -4.09
CA ALA C 78 22.37 35.14 -5.56
C ALA C 78 22.18 33.69 -5.98
N SER C 79 22.91 32.77 -5.35
CA SER C 79 22.97 31.36 -5.84
C SER C 79 23.07 30.32 -4.69
N VAL C 80 21.95 29.75 -4.30
CA VAL C 80 21.91 28.76 -3.20
C VAL C 80 22.54 27.45 -3.68
N GLN C 81 23.05 26.65 -2.74
CA GLN C 81 23.48 25.26 -3.02
C GLN C 81 22.89 24.31 -1.97
N GLU C 82 22.94 23.02 -2.19
CA GLU C 82 22.31 22.06 -1.24
C GLU C 82 22.69 22.34 0.23
N SER C 83 23.96 22.69 0.52
CA SER C 83 24.44 22.91 1.91
C SER C 83 23.80 24.14 2.60
N ASP C 84 23.06 25.00 1.90
CA ASP C 84 22.27 26.10 2.52
C ASP C 84 20.95 25.57 3.11
N SER C 85 20.61 24.30 2.90
CA SER C 85 19.39 23.68 3.51
C SER C 85 19.58 23.72 5.01
N ALA C 86 18.56 24.22 5.71
CA ALA C 86 18.62 24.66 7.13
C ALA C 86 17.40 25.50 7.44
N VAL C 87 17.30 25.97 8.69
CA VAL C 87 16.26 26.92 9.14
C VAL C 87 16.89 28.27 9.43
N TYR C 88 16.31 29.32 8.84
CA TYR C 88 16.84 30.69 8.91
C TYR C 88 15.95 31.52 9.85
N TYR C 89 16.55 32.19 10.82
CA TYR C 89 15.79 32.83 11.91
C TYR C 89 16.12 34.31 11.89
N CYS C 90 15.09 35.14 11.76
CA CYS C 90 15.15 36.60 11.98
C CYS C 90 15.05 36.96 13.48
N ALA C 91 15.79 37.95 13.94
CA ALA C 91 15.77 38.27 15.37
C ALA C 91 15.98 39.77 15.56
N LEU C 92 15.40 40.31 16.63
CA LEU C 92 15.61 41.73 16.92
C LEU C 92 15.89 41.90 18.41
N GLY C 93 16.62 42.95 18.75
CA GLY C 93 16.85 43.25 20.17
C GLY C 93 17.21 44.69 20.35
N ASP C 94 17.28 45.11 21.61
CA ASP C 94 17.79 46.42 22.06
C ASP C 94 19.32 46.49 21.84
N PRO C 95 19.86 47.56 21.18
CA PRO C 95 21.32 47.84 21.13
C PRO C 95 22.04 48.40 22.37
N THR C 100 16.75 44.76 28.52
CA THR C 100 15.98 43.57 29.04
C THR C 100 16.87 42.31 29.01
N GLY C 101 17.73 42.17 27.97
CA GLY C 101 18.69 41.06 27.77
C GLY C 101 18.28 40.13 26.64
N LYS C 102 17.10 40.40 26.10
CA LYS C 102 16.32 39.45 25.32
C LYS C 102 16.47 39.73 23.83
N LEU C 103 16.52 38.66 23.04
CA LEU C 103 16.31 38.68 21.59
C LEU C 103 14.94 38.05 21.31
N THR C 104 14.24 38.72 20.43
CA THR C 104 12.96 38.28 19.87
C THR C 104 13.27 37.60 18.54
N PHE C 105 12.79 36.37 18.41
CA PHE C 105 13.01 35.56 17.21
C PHE C 105 11.70 35.38 16.46
N GLY C 106 11.82 35.23 15.15
CA GLY C 106 10.70 34.91 14.25
C GLY C 106 10.40 33.45 14.27
N HIS C 107 9.29 33.03 13.69
CA HIS C 107 8.82 31.62 13.55
C HIS C 107 9.92 30.79 12.92
N GLY C 108 10.79 31.42 12.15
CA GLY C 108 11.81 30.75 11.33
C GLY C 108 11.24 30.26 10.00
N THR C 109 12.09 30.21 8.97
CA THR C 109 11.74 29.79 7.61
C THR C 109 12.62 28.60 7.26
N ILE C 110 11.97 27.49 6.91
CA ILE C 110 12.62 26.24 6.41
C ILE C 110 12.97 26.41 4.93
N LEU C 111 14.26 26.36 4.63
CA LEU C 111 14.83 26.33 3.27
C LEU C 111 15.31 24.90 2.96
N ARG C 112 14.68 24.29 1.95
CA ARG C 112 15.03 22.96 1.38
C ARG C 112 15.52 23.20 -0.03
N VAL C 113 16.82 23.13 -0.26
CA VAL C 113 17.43 23.27 -1.60
C VAL C 113 17.64 21.89 -2.21
N HIS C 114 16.95 21.58 -3.30
CA HIS C 114 17.07 20.29 -3.99
C HIS C 114 18.06 20.40 -5.14
N PRO C 115 18.78 19.32 -5.46
CA PRO C 115 19.72 19.37 -6.58
C PRO C 115 19.05 19.07 -7.93
N ASN C 116 19.79 19.40 -9.00
CA ASN C 116 19.47 19.20 -10.44
C ASN C 116 19.96 17.82 -10.87
N ILE C 117 19.04 16.86 -10.91
CA ILE C 117 19.32 15.43 -11.24
C ILE C 117 19.70 15.37 -12.72
N GLN C 118 20.96 15.02 -12.99
CA GLN C 118 21.47 15.14 -14.38
C GLN C 118 20.73 14.13 -15.27
N ASN C 119 20.82 12.83 -15.00
CA ASN C 119 20.29 11.86 -15.99
C ASN C 119 19.16 11.10 -15.30
N PRO C 120 17.96 11.70 -15.17
CA PRO C 120 16.88 11.06 -14.42
C PRO C 120 16.71 9.64 -15.02
N ASP C 121 16.33 8.65 -14.20
CA ASP C 121 16.16 7.22 -14.60
C ASP C 121 15.20 6.54 -13.62
N PRO C 122 13.96 7.04 -13.52
CA PRO C 122 13.03 6.58 -12.51
C PRO C 122 12.77 5.08 -12.56
N ALA C 123 12.90 4.44 -11.39
CA ALA C 123 12.84 2.98 -11.13
C ALA C 123 12.21 2.72 -9.75
N VAL C 124 11.48 1.61 -9.66
CA VAL C 124 10.98 1.02 -8.38
C VAL C 124 11.53 -0.41 -8.29
N TYR C 125 12.43 -0.67 -7.36
CA TYR C 125 13.04 -1.99 -7.16
C TYR C 125 12.60 -2.59 -5.84
N GLN C 126 12.56 -3.92 -5.78
CA GLN C 126 12.27 -4.73 -4.56
C GLN C 126 13.58 -5.31 -4.04
N LEU C 127 13.85 -5.04 -2.75
CA LEU C 127 15.05 -5.46 -1.96
C LEU C 127 14.62 -6.43 -0.85
N ARG C 128 15.23 -7.61 -0.76
CA ARG C 128 14.89 -8.62 0.28
C ARG C 128 15.82 -8.46 1.48
N ASP C 129 15.33 -8.79 2.67
CA ASP C 129 16.12 -8.89 3.94
C ASP C 129 17.16 -10.00 3.79
N SER C 130 18.19 -10.00 4.64
CA SER C 130 19.40 -10.83 4.43
C SER C 130 19.73 -11.81 5.55
N LYS C 131 18.82 -12.67 6.04
CA LYS C 131 17.53 -12.37 6.63
C LYS C 131 17.74 -11.86 8.07
N SER C 132 16.74 -11.15 8.62
CA SER C 132 16.67 -10.63 10.03
C SER C 132 15.22 -10.19 10.26
N SER C 133 14.29 -11.13 10.05
CA SER C 133 12.80 -10.99 10.01
C SER C 133 12.33 -10.42 8.66
N ASP C 134 11.61 -9.27 8.69
CA ASP C 134 10.50 -8.92 7.73
C ASP C 134 11.01 -8.70 6.31
N LYS C 135 10.22 -9.19 5.35
CA LYS C 135 10.71 -9.71 4.05
C LYS C 135 11.16 -8.56 3.14
N SER C 136 10.44 -7.45 2.99
CA SER C 136 10.84 -6.50 1.93
C SER C 136 10.39 -5.06 2.08
N VAL C 137 11.16 -4.24 1.40
CA VAL C 137 10.92 -2.80 1.13
C VAL C 137 10.96 -2.63 -0.37
N CYS C 138 10.21 -1.66 -0.87
CA CYS C 138 10.33 -1.16 -2.26
C CYS C 138 11.14 0.14 -2.25
N LEU C 139 12.17 0.20 -3.08
CA LEU C 139 13.03 1.40 -3.31
C LEU C 139 12.61 2.15 -4.57
N PHE C 140 12.08 3.37 -4.43
CA PHE C 140 11.90 4.31 -5.56
C PHE C 140 13.11 5.24 -5.64
N THR C 141 13.90 5.18 -6.71
CA THR C 141 15.20 5.88 -6.82
C THR C 141 15.40 6.43 -8.24
N ASP C 142 16.41 7.29 -8.38
CA ASP C 142 16.98 7.85 -9.64
C ASP C 142 15.97 8.79 -10.30
N PHE C 143 14.98 9.26 -9.54
CA PHE C 143 13.97 10.24 -10.04
C PHE C 143 14.49 11.68 -9.92
N ASP C 144 13.75 12.48 -10.68
CA ASP C 144 13.67 13.96 -10.80
C ASP C 144 13.25 14.62 -9.47
N SER C 145 13.61 15.89 -9.26
CA SER C 145 13.38 16.59 -7.98
C SER C 145 11.97 17.19 -7.92
N GLN C 146 11.33 17.56 -9.04
CA GLN C 146 9.92 18.03 -9.01
C GLN C 146 8.95 16.85 -8.80
N THR C 147 9.43 15.62 -8.66
CA THR C 147 8.58 14.51 -8.16
C THR C 147 8.40 14.66 -6.64
N ASN C 148 7.15 14.74 -6.18
CA ASN C 148 6.81 14.73 -4.74
C ASN C 148 6.30 13.34 -4.41
N VAL C 149 6.78 12.73 -3.32
CA VAL C 149 6.35 11.35 -2.94
C VAL C 149 5.26 11.46 -1.86
N SER C 150 4.06 10.97 -2.16
CA SER C 150 2.91 11.04 -1.22
C SER C 150 3.02 9.91 -0.22
N GLN C 151 2.41 10.12 0.95
CA GLN C 151 2.08 9.07 1.97
C GLN C 151 0.99 8.15 1.41
N SER C 152 0.94 6.89 1.84
CA SER C 152 -0.06 5.91 1.35
C SER C 152 -1.44 6.24 1.94
N LYS C 153 -2.46 5.62 1.39
CA LYS C 153 -3.86 5.68 1.87
C LYS C 153 -4.00 4.59 2.92
N ASP C 154 -3.45 3.41 2.59
CA ASP C 154 -3.32 2.26 3.51
C ASP C 154 -2.58 2.73 4.77
N SER C 155 -3.07 2.35 5.97
CA SER C 155 -2.49 2.68 7.31
C SER C 155 -1.47 1.60 7.70
N ASP C 156 -1.45 0.50 6.94
CA ASP C 156 -0.48 -0.61 7.11
C ASP C 156 0.76 -0.32 6.26
N VAL C 157 0.76 0.80 5.54
CA VAL C 157 1.90 1.17 4.66
C VAL C 157 2.58 2.40 5.24
N TYR C 158 3.91 2.39 5.10
CA TYR C 158 4.85 3.44 5.57
C TYR C 158 5.72 3.89 4.39
N ILE C 159 5.69 5.18 4.10
CA ILE C 159 6.47 5.73 2.97
C ILE C 159 7.35 6.82 3.51
N THR C 160 8.64 6.83 3.24
CA THR C 160 9.56 7.91 3.71
C THR C 160 9.49 9.02 2.68
N ASP C 161 9.89 10.26 3.04
CA ASP C 161 10.05 11.37 2.06
C ASP C 161 11.33 11.12 1.27
N LYS C 162 11.45 11.77 0.11
CA LYS C 162 12.68 11.64 -0.71
C LYS C 162 13.88 12.15 0.09
N CYS C 163 15.05 11.66 -0.26
CA CYS C 163 16.31 11.91 0.45
C CYS C 163 17.43 11.82 -0.57
N VAL C 164 18.34 12.78 -0.51
CA VAL C 164 19.43 12.91 -1.51
C VAL C 164 20.69 12.30 -0.93
N LEU C 165 21.33 11.54 -1.79
CA LEU C 165 22.40 10.57 -1.53
C LEU C 165 23.40 10.93 -2.60
N ASP C 166 24.67 11.08 -2.24
CA ASP C 166 25.67 11.64 -3.17
C ASP C 166 26.98 10.85 -3.07
N MET C 167 27.33 10.17 -4.16
CA MET C 167 28.57 9.37 -4.31
C MET C 167 29.69 10.32 -4.71
N ARG C 168 30.31 10.97 -3.73
CA ARG C 168 31.25 12.11 -3.90
C ARG C 168 32.22 11.88 -5.09
N SER C 169 32.88 10.72 -5.12
CA SER C 169 33.92 10.34 -6.11
C SER C 169 33.26 9.68 -7.33
N MET C 170 32.50 10.45 -8.08
CA MET C 170 31.63 9.98 -9.20
C MET C 170 30.88 11.20 -9.71
N ASP C 171 30.59 12.14 -8.78
CA ASP C 171 29.71 13.33 -8.91
C ASP C 171 28.28 12.87 -9.11
N PHE C 172 27.88 11.80 -8.45
CA PHE C 172 26.57 11.17 -8.73
C PHE C 172 25.64 11.53 -7.59
N LYS C 173 24.56 12.26 -7.89
CA LYS C 173 23.45 12.50 -6.95
C LYS C 173 22.22 11.74 -7.41
N SER C 174 21.63 11.03 -6.46
CA SER C 174 20.41 10.23 -6.63
C SER C 174 19.43 10.64 -5.53
N ASN C 175 18.18 10.83 -5.92
CA ASN C 175 17.03 10.83 -4.99
C ASN C 175 16.58 9.37 -4.80
N SER C 176 15.95 9.10 -3.67
CA SER C 176 15.59 7.77 -3.14
C SER C 176 14.46 8.00 -2.14
N ALA C 177 13.42 7.18 -2.16
CA ALA C 177 12.33 7.13 -1.17
C ALA C 177 12.05 5.66 -0.93
N VAL C 178 11.65 5.27 0.27
CA VAL C 178 11.52 3.83 0.65
C VAL C 178 10.09 3.58 1.12
N ALA C 179 9.57 2.41 0.79
CA ALA C 179 8.20 2.01 1.16
C ALA C 179 8.26 0.61 1.73
N TRP C 180 7.53 0.34 2.80
CA TRP C 180 7.35 -1.06 3.27
C TRP C 180 5.96 -1.25 3.87
N SER C 181 5.60 -2.52 4.05
CA SER C 181 4.50 -2.96 4.96
C SER C 181 4.92 -4.30 5.58
N ASN C 182 4.68 -4.45 6.88
CA ASN C 182 5.01 -5.67 7.68
C ASN C 182 4.12 -6.83 7.20
N LYS C 183 2.93 -6.50 6.64
CA LYS C 183 2.03 -7.45 5.94
C LYS C 183 2.63 -7.91 4.60
N SER C 184 2.36 -9.15 4.22
CA SER C 184 2.41 -9.65 2.83
C SER C 184 1.38 -8.87 1.98
N ASP C 185 1.21 -9.26 0.70
CA ASP C 185 0.21 -8.74 -0.28
C ASP C 185 0.54 -7.32 -0.72
N PHE C 186 1.80 -6.89 -0.53
CA PHE C 186 2.32 -5.52 -0.79
C PHE C 186 3.24 -5.57 -2.01
N ALA C 187 2.73 -5.22 -3.18
CA ALA C 187 3.37 -5.41 -4.50
C ALA C 187 3.99 -4.09 -4.95
N CYS C 188 5.25 -4.12 -5.39
CA CYS C 188 6.08 -2.92 -5.69
C CYS C 188 5.42 -2.09 -6.79
N ALA C 189 4.63 -2.71 -7.66
CA ALA C 189 3.85 -2.02 -8.72
C ALA C 189 2.68 -1.21 -8.12
N ASN C 190 2.25 -1.53 -6.90
CA ASN C 190 1.17 -0.77 -6.19
C ASN C 190 1.79 0.29 -5.26
N ALA C 191 3.02 0.05 -4.78
CA ALA C 191 3.71 0.79 -3.69
C ALA C 191 3.31 2.27 -3.75
N PHE C 192 3.69 3.00 -4.81
CA PHE C 192 3.63 4.49 -4.81
C PHE C 192 2.44 4.99 -5.65
N ASN C 193 1.48 4.10 -5.97
CA ASN C 193 0.19 4.46 -6.62
C ASN C 193 -0.15 5.91 -6.24
N ASN C 194 -0.34 6.22 -4.96
CA ASN C 194 -0.88 7.51 -4.43
C ASN C 194 0.09 8.71 -4.61
N SER C 195 1.27 8.55 -5.24
CA SER C 195 2.18 9.66 -5.64
C SER C 195 2.04 9.92 -7.14
N ILE C 196 2.29 11.15 -7.59
CA ILE C 196 2.32 11.51 -9.04
C ILE C 196 3.73 11.15 -9.58
N ILE C 197 3.87 9.93 -10.11
CA ILE C 197 5.16 9.36 -10.59
C ILE C 197 5.24 9.35 -12.12
N PRO C 198 6.47 9.41 -12.69
CA PRO C 198 6.69 9.44 -14.14
C PRO C 198 6.18 8.22 -14.94
N GLU C 199 5.59 8.49 -16.12
CA GLU C 199 4.94 7.51 -17.06
C GLU C 199 5.98 6.53 -17.62
N ASP C 200 7.26 6.90 -17.58
CA ASP C 200 8.42 6.10 -18.05
C ASP C 200 9.19 5.56 -16.85
N THR C 201 8.59 5.59 -15.65
CA THR C 201 9.12 4.94 -14.41
C THR C 201 9.29 3.43 -14.71
N PHE C 202 10.52 2.92 -14.62
CA PHE C 202 10.84 1.50 -14.82
C PHE C 202 10.39 0.65 -13.62
N PHE C 203 9.62 -0.42 -13.86
CA PHE C 203 9.20 -1.39 -12.82
C PHE C 203 9.68 -2.78 -13.20
N PRO C 204 10.91 -3.23 -12.86
CA PRO C 204 11.33 -4.57 -13.26
C PRO C 204 10.53 -5.59 -12.44
N SER C 205 10.59 -6.88 -12.80
CA SER C 205 10.07 -7.97 -11.92
C SER C 205 11.20 -8.78 -11.27
N PRO C 206 12.45 -8.85 -11.84
CA PRO C 206 12.76 -9.27 -13.23
C PRO C 206 13.48 -10.63 -13.34
N GLU C 207 13.52 -11.32 -12.20
CA GLU C 207 14.46 -12.39 -11.73
C GLU C 207 14.31 -13.74 -12.46
N SER C 208 14.93 -14.77 -11.84
CA SER C 208 14.93 -16.26 -12.07
C SER C 208 14.21 -16.70 -13.37
N SER C 209 14.98 -16.98 -14.43
CA SER C 209 14.53 -17.28 -15.83
C SER C 209 14.50 -18.81 -16.07
N THR D 2 34.41 26.96 19.66
CA THR D 2 33.49 26.43 20.70
C THR D 2 34.02 26.83 22.07
N LEU D 3 33.37 27.80 22.72
CA LEU D 3 33.77 28.23 24.08
C LEU D 3 32.51 28.44 24.94
N LEU D 4 31.66 27.42 24.84
CA LEU D 4 30.54 27.03 25.74
C LEU D 4 30.41 25.51 25.67
N GLU D 5 30.45 24.79 26.79
CA GLU D 5 29.98 23.38 26.80
C GLU D 5 28.82 23.21 27.78
N GLN D 6 27.95 22.28 27.46
CA GLN D 6 26.68 22.10 28.18
C GLN D 6 26.57 20.66 28.58
N ASN D 7 25.82 20.42 29.63
CA ASN D 7 25.73 19.07 30.23
C ASN D 7 24.40 18.98 30.96
N PRO D 8 23.64 17.87 30.84
CA PRO D 8 23.91 16.80 29.87
C PRO D 8 23.51 17.17 28.44
N ARG D 9 23.86 16.36 27.45
CA ARG D 9 23.49 16.61 26.04
C ARG D 9 22.03 16.30 25.77
N TRP D 10 21.60 15.16 26.28
CA TRP D 10 20.24 14.60 26.20
C TRP D 10 19.84 14.10 27.60
N ARG D 11 18.56 13.91 27.82
CA ARG D 11 18.04 13.31 29.06
C ARG D 11 16.61 12.89 28.76
N LEU D 12 16.26 11.66 29.10
CA LEU D 12 14.86 11.22 29.13
C LEU D 12 14.32 11.57 30.50
N VAL D 13 13.24 12.35 30.55
CA VAL D 13 12.62 12.84 31.80
C VAL D 13 11.19 12.31 31.87
N PRO D 14 10.84 11.48 32.88
CA PRO D 14 9.45 11.06 33.10
C PRO D 14 8.58 12.24 33.57
N ARG D 15 7.41 12.41 32.93
CA ARG D 15 6.42 13.47 33.24
C ARG D 15 6.53 13.89 34.72
N GLY D 16 6.34 15.19 34.98
CA GLY D 16 6.28 15.80 36.34
C GLY D 16 7.53 15.50 37.17
N GLN D 17 8.71 15.68 36.60
CA GLN D 17 9.97 15.29 37.27
C GLN D 17 11.09 16.18 36.76
N ALA D 18 12.07 16.43 37.62
CA ALA D 18 13.04 17.54 37.46
C ALA D 18 14.23 17.02 36.68
N VAL D 19 15.08 17.94 36.22
CA VAL D 19 16.42 17.64 35.66
C VAL D 19 17.28 18.91 35.82
N ASN D 20 18.55 18.81 36.24
CA ASN D 20 19.48 19.97 36.38
C ASN D 20 20.42 20.05 35.18
N LEU D 21 20.65 21.24 34.62
CA LEU D 21 21.48 21.47 33.40
C LEU D 21 22.65 22.37 33.82
N ARG D 22 23.82 22.16 33.22
CA ARG D 22 25.05 22.94 33.48
C ARG D 22 25.45 23.64 32.18
N CYS D 23 25.98 24.83 32.29
CA CYS D 23 26.67 25.47 31.19
C CYS D 23 27.90 26.11 31.79
N ILE D 24 29.04 25.93 31.15
CA ILE D 24 30.30 26.57 31.63
C ILE D 24 30.84 27.40 30.46
N LEU D 25 31.13 28.67 30.74
CA LEU D 25 31.69 29.67 29.79
C LEU D 25 33.18 29.41 29.70
N LYS D 26 33.76 29.39 28.49
CA LYS D 26 35.21 29.09 28.30
C LYS D 26 36.02 30.34 27.95
N ASN D 27 35.42 31.54 28.00
CA ASN D 27 36.02 32.79 27.47
C ASN D 27 35.40 34.01 28.19
N SER D 28 36.12 34.54 29.18
CA SER D 28 35.73 35.73 29.97
C SER D 28 35.41 36.94 29.08
N GLN D 29 35.70 36.90 27.77
CA GLN D 29 35.39 38.04 26.86
C GLN D 29 33.86 38.18 26.69
N TYR D 30 33.10 37.08 26.83
CA TYR D 30 31.61 37.02 26.70
C TYR D 30 30.97 36.64 28.05
N PRO D 31 31.03 37.53 29.06
CA PRO D 31 30.56 37.21 30.42
C PRO D 31 29.05 37.16 30.61
N TRP D 32 28.28 37.71 29.66
CA TRP D 32 26.79 37.66 29.65
C TRP D 32 26.31 36.32 29.12
N MET D 33 25.63 35.58 30.01
CA MET D 33 25.15 34.19 29.80
C MET D 33 23.63 34.15 29.90
N SER D 34 23.01 33.41 28.98
CA SER D 34 21.53 33.31 28.88
C SER D 34 21.12 31.85 28.64
N TRP D 35 19.83 31.62 28.84
CA TRP D 35 19.10 30.38 28.49
C TRP D 35 18.04 30.74 27.45
N TYR D 36 17.99 29.97 26.37
CA TYR D 36 16.90 30.01 25.35
C TYR D 36 16.28 28.61 25.38
N GLN D 37 14.97 28.48 25.17
CA GLN D 37 14.35 27.17 24.86
C GLN D 37 13.90 27.17 23.41
N GLN D 38 13.95 25.99 22.79
CA GLN D 38 13.41 25.70 21.43
C GLN D 38 12.37 24.61 21.60
N ASP D 39 11.12 24.89 21.29
CA ASP D 39 10.02 23.99 21.64
C ASP D 39 9.89 23.00 20.47
N LEU D 40 8.93 22.10 20.55
CA LEU D 40 8.94 21.00 19.59
C LEU D 40 8.48 21.56 18.25
N GLN D 41 7.74 22.67 18.21
CA GLN D 41 7.35 23.30 16.91
C GLN D 41 8.51 24.23 16.43
N LYS D 42 9.78 23.87 16.63
CA LYS D 42 10.94 24.81 16.43
C LYS D 42 10.52 26.09 17.15
N GLN D 43 11.12 27.26 17.04
CA GLN D 43 10.62 28.43 17.86
C GLN D 43 11.49 28.66 19.10
N LEU D 44 12.28 29.71 19.02
CA LEU D 44 13.20 30.18 20.05
C LEU D 44 12.48 31.19 20.96
N GLN D 45 12.57 30.98 22.28
CA GLN D 45 12.08 31.88 23.34
C GLN D 45 13.26 32.17 24.29
N TRP D 46 13.53 33.42 24.61
CA TRP D 46 14.50 33.80 25.67
C TRP D 46 13.89 33.46 27.01
N LEU D 47 14.67 32.88 27.92
CA LEU D 47 14.24 32.61 29.31
C LEU D 47 14.91 33.58 30.29
N PHE D 48 16.22 33.75 30.17
CA PHE D 48 17.02 34.49 31.17
C PHE D 48 18.30 35.00 30.56
N THR D 49 18.72 36.19 30.97
CA THR D 49 20.15 36.63 30.92
C THR D 49 20.56 36.98 32.35
N LEU D 50 21.66 36.38 32.82
CA LEU D 50 22.18 36.44 34.19
C LEU D 50 23.65 36.83 34.13
N ARG D 51 24.06 37.94 34.75
CA ARG D 51 25.44 38.48 34.52
C ARG D 51 26.40 38.04 35.62
N SER D 52 25.99 38.13 36.88
CA SER D 52 26.94 38.19 38.04
C SER D 52 26.66 37.05 39.03
N PRO D 53 27.68 36.47 39.68
CA PRO D 53 27.46 35.33 40.58
C PRO D 53 26.50 35.63 41.75
N GLY D 54 25.56 34.70 42.01
CA GLY D 54 24.67 34.72 43.18
C GLY D 54 23.22 35.03 42.84
N ASP D 55 22.96 35.67 41.69
CA ASP D 55 21.59 35.99 41.27
C ASP D 55 20.96 34.76 40.61
N LYS D 56 19.64 34.66 40.80
CA LYS D 56 18.75 33.49 40.63
C LYS D 56 17.52 34.07 39.96
N GLU D 57 16.86 33.37 39.07
CA GLU D 57 15.63 33.91 38.47
C GLU D 57 14.72 32.71 38.18
N VAL D 58 13.43 32.98 38.09
CA VAL D 58 12.37 31.94 38.05
C VAL D 58 11.47 32.28 36.88
N LYS D 59 10.88 31.32 36.21
CA LYS D 59 9.94 31.62 35.11
C LYS D 59 9.04 30.41 34.89
N SER D 60 7.81 30.67 34.56
CA SER D 60 6.83 29.64 34.20
C SER D 60 6.50 29.78 32.71
N LEU D 61 6.69 28.74 31.92
CA LEU D 61 6.23 28.69 30.50
C LEU D 61 5.32 27.49 30.33
N PRO D 62 4.47 27.50 29.30
CA PRO D 62 3.80 26.29 28.84
C PRO D 62 4.87 25.22 28.59
N GLY D 63 4.77 24.10 29.31
CA GLY D 63 5.69 22.98 29.13
C GLY D 63 6.59 22.81 30.33
N ALA D 64 7.06 23.88 30.98
CA ALA D 64 8.08 23.71 32.04
C ALA D 64 8.21 24.92 32.93
N ASP D 65 8.81 24.67 34.10
CA ASP D 65 9.16 25.64 35.17
C ASP D 65 10.69 25.68 35.29
N TYR D 66 11.22 26.85 35.56
CA TYR D 66 12.66 27.12 35.35
C TYR D 66 13.19 27.90 36.54
N LEU D 67 14.24 27.35 37.15
CA LEU D 67 15.13 28.10 38.04
C LEU D 67 16.55 28.18 37.41
N ALA D 68 17.01 29.40 37.24
CA ALA D 68 18.27 29.76 36.59
C ALA D 68 19.19 30.33 37.66
N THR D 69 20.47 29.99 37.65
CA THR D 69 21.44 30.39 38.69
C THR D 69 22.81 30.60 38.04
N ARG D 70 23.38 31.79 38.17
CA ARG D 70 24.81 32.06 37.89
C ARG D 70 25.59 31.80 39.17
N VAL D 71 26.29 30.67 39.22
CA VAL D 71 27.00 30.20 40.44
C VAL D 71 28.39 30.85 40.46
N THR D 72 29.14 30.79 39.35
CA THR D 72 30.49 31.40 39.19
C THR D 72 30.49 32.33 37.96
N ASP D 73 31.59 33.07 37.76
CA ASP D 73 31.86 33.81 36.51
C ASP D 73 31.75 32.90 35.29
N THR D 74 31.89 31.58 35.47
CA THR D 74 31.97 30.62 34.34
C THR D 74 31.00 29.45 34.57
N GLU D 75 29.99 29.54 35.43
CA GLU D 75 29.02 28.40 35.53
C GLU D 75 27.60 28.92 35.62
N LEU D 76 26.71 28.37 34.80
CA LEU D 76 25.26 28.73 34.73
C LEU D 76 24.47 27.45 34.98
N ARG D 77 23.57 27.40 35.96
CA ARG D 77 22.71 26.19 36.24
C ARG D 77 21.28 26.47 35.74
N LEU D 78 20.51 25.47 35.32
CA LEU D 78 19.06 25.60 35.02
C LEU D 78 18.35 24.41 35.68
N GLN D 79 17.48 24.62 36.65
CA GLN D 79 16.63 23.49 37.10
C GLN D 79 15.36 23.59 36.26
N VAL D 80 14.88 22.47 35.73
CA VAL D 80 13.66 22.51 34.90
C VAL D 80 12.69 21.46 35.45
N ALA D 81 11.62 21.92 36.10
CA ALA D 81 10.69 21.11 36.90
C ALA D 81 9.41 20.83 36.11
N ASN D 82 8.58 19.94 36.62
CA ASN D 82 7.23 19.76 36.04
C ASN D 82 7.43 19.25 34.64
N MET D 83 7.22 20.08 33.64
CA MET D 83 7.69 19.68 32.29
C MET D 83 6.74 18.62 31.76
N SER D 84 5.87 19.07 30.88
CA SER D 84 4.91 18.22 30.19
C SER D 84 5.41 18.03 28.76
N GLN D 85 6.15 18.98 28.15
CA GLN D 85 6.21 18.96 26.66
C GLN D 85 7.56 18.56 26.09
N GLY D 86 8.69 19.11 26.48
CA GLY D 86 9.89 18.58 25.80
C GLY D 86 10.44 19.61 24.87
N ARG D 87 11.74 19.77 24.89
CA ARG D 87 12.40 20.99 24.47
C ARG D 87 13.87 20.74 24.29
N THR D 88 14.51 21.60 23.53
CA THR D 88 15.97 21.82 23.63
C THR D 88 16.17 23.15 24.34
N LEU D 89 17.09 23.13 25.27
CA LEU D 89 17.48 24.35 25.98
C LEU D 89 18.88 24.65 25.56
N TYR D 90 19.08 25.85 25.03
CA TYR D 90 20.38 26.40 24.63
C TYR D 90 20.78 27.47 25.65
N CYS D 91 21.99 27.29 26.14
CA CYS D 91 22.87 28.32 26.74
C CYS D 91 23.40 29.27 25.63
N THR D 92 23.65 30.52 25.96
CA THR D 92 24.28 31.47 25.01
C THR D 92 25.16 32.44 25.78
N CYS D 93 26.09 33.09 25.09
CA CYS D 93 27.03 34.02 25.76
C CYS D 93 27.33 35.17 24.81
N SER D 94 27.50 36.37 25.34
CA SER D 94 27.62 37.60 24.52
C SER D 94 28.65 38.55 25.15
N ALA D 95 29.15 39.52 24.40
CA ALA D 95 29.98 40.63 24.93
C ALA D 95 29.09 41.56 25.76
N GLY D 96 27.76 41.54 25.54
CA GLY D 96 26.79 42.44 26.18
C GLY D 96 25.37 41.89 26.24
N ARG D 97 24.50 42.67 26.90
CA ARG D 97 23.03 42.47 27.05
C ARG D 97 22.34 42.68 25.69
N GLY D 98 21.44 41.77 25.32
CA GLY D 98 20.60 41.79 24.09
C GLY D 98 21.41 42.06 22.84
N GLY D 99 21.22 43.25 22.27
CA GLY D 99 21.62 43.62 20.89
C GLY D 99 23.04 44.17 20.76
N TYR D 100 23.67 44.63 21.85
CA TYR D 100 25.01 45.27 21.90
C TYR D 100 25.96 44.62 20.87
N ALA D 101 26.25 43.33 21.07
CA ALA D 101 26.78 42.40 20.04
C ALA D 101 25.78 41.25 19.99
N GLU D 102 26.23 40.00 19.80
CA GLU D 102 25.31 38.92 19.37
C GLU D 102 25.46 37.71 20.27
N GLN D 103 24.39 36.94 20.38
CA GLN D 103 24.32 35.69 21.19
C GLN D 103 25.03 34.58 20.43
N PHE D 104 25.86 33.78 21.11
CA PHE D 104 26.53 32.57 20.55
C PHE D 104 25.96 31.38 21.28
N PHE D 105 25.32 30.43 20.58
CA PHE D 105 24.56 29.28 21.13
C PHE D 105 25.51 28.14 21.49
N GLY D 106 25.35 27.59 22.69
CA GLY D 106 25.97 26.33 23.09
C GLY D 106 25.38 25.22 22.23
N PRO D 107 25.77 23.95 22.48
CA PRO D 107 25.34 22.80 21.68
C PRO D 107 23.96 22.21 21.98
N GLY D 108 23.39 22.64 23.09
CA GLY D 108 22.05 22.24 23.53
C GLY D 108 22.03 21.04 24.47
N THR D 109 20.96 21.00 25.24
CA THR D 109 20.47 19.87 26.03
C THR D 109 19.05 19.54 25.57
N ARG D 110 18.79 18.33 25.08
CA ARG D 110 17.47 17.93 24.53
C ARG D 110 16.74 17.08 25.56
N LEU D 111 15.70 17.61 26.17
CA LEU D 111 14.86 16.83 27.10
C LEU D 111 13.70 16.20 26.32
N THR D 112 13.52 14.89 26.45
CA THR D 112 12.39 14.15 25.87
C THR D 112 11.49 13.76 27.04
N VAL D 113 10.16 13.94 26.91
CA VAL D 113 9.21 13.58 28.00
C VAL D 113 8.58 12.24 27.64
N LEU D 114 8.33 11.45 28.68
CA LEU D 114 7.76 10.08 28.70
C LEU D 114 6.50 10.13 29.56
N GLU D 115 5.31 10.02 28.98
CA GLU D 115 4.13 10.01 29.85
C GLU D 115 4.31 8.78 30.73
N ASP D 116 4.95 7.71 30.21
CA ASP D 116 5.16 6.45 30.99
C ASP D 116 6.33 5.60 30.47
N LEU D 117 7.20 5.18 31.39
CA LEU D 117 8.45 4.40 31.17
C LEU D 117 8.21 3.12 30.37
N LYS D 118 7.00 2.60 30.35
CA LYS D 118 6.76 1.24 29.81
C LYS D 118 6.46 1.31 28.30
N ASN D 119 6.55 2.49 27.68
CA ASN D 119 6.35 2.61 26.21
C ASN D 119 7.70 2.61 25.51
N VAL D 120 8.82 2.52 26.26
CA VAL D 120 10.23 2.68 25.76
C VAL D 120 10.71 1.35 25.18
N PHE D 121 11.19 1.36 23.96
CA PHE D 121 11.55 0.13 23.20
C PHE D 121 12.82 0.44 22.43
N PRO D 122 13.83 -0.45 22.45
CA PRO D 122 15.01 -0.26 21.61
C PRO D 122 14.61 -0.58 20.19
N PRO D 123 15.37 -0.21 19.17
CA PRO D 123 14.98 -0.52 17.79
C PRO D 123 15.28 -1.98 17.40
N GLU D 124 14.45 -2.56 16.53
CA GLU D 124 14.86 -3.69 15.67
C GLU D 124 15.49 -3.10 14.40
N VAL D 125 16.51 -3.76 13.89
CA VAL D 125 17.28 -3.28 12.74
C VAL D 125 17.39 -4.42 11.74
N ALA D 126 17.33 -4.08 10.47
CA ALA D 126 17.42 -5.00 9.32
C ALA D 126 18.13 -4.28 8.17
N VAL D 127 19.02 -4.99 7.52
CA VAL D 127 19.63 -4.58 6.23
C VAL D 127 18.94 -5.33 5.07
N PHE D 128 18.59 -4.60 4.04
CA PHE D 128 17.98 -5.15 2.81
C PHE D 128 19.05 -5.05 1.73
N GLU D 129 19.29 -6.15 1.01
CA GLU D 129 20.36 -6.24 0.01
C GLU D 129 19.82 -5.70 -1.29
N PRO D 130 20.71 -5.17 -2.13
CA PRO D 130 20.32 -4.58 -3.40
C PRO D 130 19.52 -5.58 -4.26
N SER D 131 18.49 -5.13 -4.97
CA SER D 131 17.85 -5.94 -6.05
C SER D 131 18.84 -6.11 -7.20
N GLU D 132 18.75 -7.25 -7.90
CA GLU D 132 19.68 -7.58 -9.01
C GLU D 132 19.31 -6.76 -10.25
N ALA D 133 18.02 -6.43 -10.42
CA ALA D 133 17.45 -5.57 -11.50
C ALA D 133 18.18 -4.25 -11.54
N GLU D 134 18.37 -3.66 -10.35
CA GLU D 134 19.02 -2.34 -10.16
C GLU D 134 20.49 -2.48 -10.55
N ILE D 135 21.12 -3.61 -10.20
CA ILE D 135 22.58 -3.81 -10.40
C ILE D 135 22.90 -3.86 -11.90
N SER D 136 22.05 -4.50 -12.71
CA SER D 136 22.29 -4.61 -14.17
C SER D 136 21.87 -3.29 -14.83
N HIS D 137 20.78 -2.69 -14.38
CA HIS D 137 20.13 -1.48 -14.98
C HIS D 137 21.01 -0.22 -14.84
N THR D 138 21.73 -0.09 -13.71
CA THR D 138 22.46 1.14 -13.27
C THR D 138 23.91 0.85 -12.91
N GLN D 139 24.32 -0.42 -12.83
CA GLN D 139 25.62 -0.90 -12.25
C GLN D 139 25.96 -0.05 -11.04
N LYS D 140 25.05 -0.09 -10.08
CA LYS D 140 25.09 0.51 -8.71
C LYS D 140 24.12 -0.30 -7.83
N ALA D 141 24.45 -0.44 -6.55
CA ALA D 141 23.71 -1.32 -5.62
C ALA D 141 23.34 -0.53 -4.37
N THR D 142 22.06 -0.41 -4.14
CA THR D 142 21.56 0.32 -2.96
C THR D 142 21.19 -0.70 -1.87
N LEU D 143 21.92 -0.65 -0.75
CA LEU D 143 21.47 -1.22 0.54
C LEU D 143 20.53 -0.23 1.21
N VAL D 144 19.45 -0.73 1.80
CA VAL D 144 18.54 0.00 2.72
C VAL D 144 18.70 -0.60 4.10
N CYS D 145 18.73 0.26 5.12
CA CYS D 145 18.56 -0.13 6.53
C CYS D 145 17.21 0.36 7.04
N LEU D 146 16.53 -0.46 7.85
CA LEU D 146 15.28 -0.13 8.56
C LEU D 146 15.51 -0.30 10.08
N ALA D 147 15.33 0.77 10.83
CA ALA D 147 15.24 0.74 12.30
C ALA D 147 13.76 0.86 12.65
N THR D 148 13.17 -0.14 13.29
CA THR D 148 11.68 -0.17 13.50
C THR D 148 11.37 -0.44 14.97
N GLY D 149 10.26 0.08 15.46
CA GLY D 149 9.70 -0.28 16.76
C GLY D 149 10.22 0.54 17.92
N PHE D 150 10.98 1.61 17.73
CA PHE D 150 11.62 2.27 18.89
C PHE D 150 10.75 3.38 19.40
N TYR D 151 11.03 3.72 20.66
CA TYR D 151 10.39 4.84 21.36
C TYR D 151 11.24 5.11 22.58
N PRO D 152 11.61 6.37 22.87
CA PRO D 152 11.27 7.55 22.07
C PRO D 152 12.16 7.71 20.82
N ASP D 153 11.96 8.79 20.04
CA ASP D 153 12.52 8.94 18.66
C ASP D 153 13.98 9.40 18.65
N HIS D 154 14.76 9.23 19.72
CA HIS D 154 16.20 9.61 19.69
C HIS D 154 17.03 8.42 19.20
N VAL D 155 17.27 8.30 17.88
CA VAL D 155 18.36 7.37 17.41
C VAL D 155 19.37 8.12 16.54
N GLU D 156 20.60 7.59 16.50
CA GLU D 156 21.65 8.04 15.55
C GLU D 156 22.06 6.79 14.79
N LEU D 157 21.82 6.83 13.49
CA LEU D 157 22.11 5.74 12.55
C LEU D 157 23.42 6.03 11.83
N SER D 158 24.29 5.03 11.65
CA SER D 158 25.61 5.14 10.98
C SER D 158 25.89 3.89 10.13
N TRP D 159 26.59 4.02 8.99
CA TRP D 159 27.04 2.85 8.17
C TRP D 159 28.55 2.59 8.36
N TRP D 160 28.90 1.32 8.58
CA TRP D 160 30.28 0.81 8.72
C TRP D 160 30.62 -0.15 7.58
N VAL D 161 31.60 0.21 6.76
CA VAL D 161 32.08 -0.67 5.66
C VAL D 161 33.46 -1.20 6.06
N ASN D 162 33.55 -2.51 6.32
CA ASN D 162 34.80 -3.24 6.70
C ASN D 162 35.42 -2.59 7.94
N GLY D 163 34.62 -2.27 8.98
CA GLY D 163 35.10 -1.70 10.26
C GLY D 163 35.23 -0.16 10.29
N LYS D 164 35.25 0.54 9.14
CA LYS D 164 35.32 2.03 9.06
C LYS D 164 33.94 2.61 8.76
N GLU D 165 33.46 3.53 9.62
CA GLU D 165 32.23 4.37 9.42
C GLU D 165 32.30 5.14 8.09
N VAL D 166 31.36 4.95 7.15
CA VAL D 166 31.32 5.67 5.83
C VAL D 166 30.30 6.82 5.85
N HIS D 167 30.55 7.82 5.01
CA HIS D 167 29.73 9.07 4.83
C HIS D 167 29.36 9.26 3.34
N SER D 168 30.30 9.06 2.41
CA SER D 168 29.96 9.13 0.97
C SER D 168 28.89 8.07 0.65
N GLY D 169 27.98 8.42 -0.29
CA GLY D 169 26.88 7.59 -0.81
C GLY D 169 25.95 7.12 0.29
N VAL D 170 25.59 7.97 1.26
CA VAL D 170 24.72 7.65 2.43
C VAL D 170 23.61 8.69 2.55
N CYS D 171 22.43 8.26 2.94
CA CYS D 171 21.34 9.23 3.12
C CYS D 171 20.27 8.63 4.05
N THR D 172 20.16 9.26 5.22
CA THR D 172 19.29 8.85 6.34
C THR D 172 18.13 9.83 6.43
N ASP D 173 16.91 9.36 6.69
CA ASP D 173 15.75 10.26 6.84
C ASP D 173 16.11 11.33 7.84
N PRO D 174 15.73 12.60 7.57
CA PRO D 174 16.09 13.70 8.45
C PRO D 174 15.46 13.46 9.82
N GLN D 175 14.16 13.18 9.87
CA GLN D 175 13.55 12.70 11.15
C GLN D 175 12.67 11.48 10.90
N PRO D 176 12.49 10.65 11.94
CA PRO D 176 11.77 9.38 11.83
C PRO D 176 10.26 9.56 11.64
N LEU D 177 9.54 8.53 11.21
CA LEU D 177 8.05 8.56 11.08
C LEU D 177 7.38 7.58 12.08
N LYS D 178 6.09 7.80 12.36
CA LYS D 178 5.28 7.13 13.40
C LYS D 178 4.61 5.89 12.81
N GLU D 179 4.79 4.73 13.45
CA GLU D 179 4.19 3.44 12.99
C GLU D 179 2.66 3.43 13.23
N GLN D 180 2.16 4.11 14.27
CA GLN D 180 0.71 4.12 14.59
C GLN D 180 0.27 5.58 14.61
N PRO D 181 0.08 6.19 13.42
CA PRO D 181 0.15 7.64 13.27
C PRO D 181 -1.14 8.17 13.90
N ALA D 182 -1.02 9.18 14.77
CA ALA D 182 -2.08 9.57 15.73
C ALA D 182 -2.31 8.45 16.75
N LEU D 183 -1.84 8.70 17.97
CA LEU D 183 -1.52 7.76 19.09
C LEU D 183 -0.30 8.40 19.79
N ASN D 184 -0.49 9.11 20.92
CA ASN D 184 0.55 10.00 21.53
C ASN D 184 1.82 9.20 21.90
N ASP D 185 1.70 7.88 22.14
CA ASP D 185 2.81 6.95 22.52
C ASP D 185 3.25 6.09 21.32
N SER D 186 2.94 6.51 20.08
CA SER D 186 3.26 5.74 18.84
C SER D 186 4.75 5.40 18.82
N ARG D 187 5.09 4.29 18.20
CA ARG D 187 6.51 3.91 17.99
C ARG D 187 6.98 4.41 16.61
N TYR D 188 8.31 4.61 16.48
CA TYR D 188 8.96 5.24 15.31
C TYR D 188 9.76 4.22 14.52
N ALA D 189 9.96 4.57 13.26
CA ALA D 189 10.81 3.83 12.31
C ALA D 189 11.69 4.86 11.60
N LEU D 190 12.89 4.47 11.22
CA LEU D 190 13.79 5.34 10.47
C LEU D 190 14.52 4.49 9.43
N SER D 191 14.87 5.09 8.32
CA SER D 191 15.34 4.43 7.10
C SER D 191 16.67 5.05 6.66
N SER D 192 17.65 4.27 6.22
CA SER D 192 18.88 4.81 5.58
C SER D 192 19.26 3.99 4.35
N ARG D 193 19.96 4.66 3.44
CA ARG D 193 20.42 4.17 2.12
C ARG D 193 21.92 4.26 2.10
N LEU D 194 22.59 3.19 1.68
CA LEU D 194 24.01 3.24 1.31
C LEU D 194 24.11 2.70 -0.11
N ARG D 195 24.73 3.46 -1.02
CA ARG D 195 24.94 3.12 -2.45
C ARG D 195 26.45 3.01 -2.75
N VAL D 196 26.83 1.85 -3.28
CA VAL D 196 28.22 1.52 -3.68
C VAL D 196 28.13 1.02 -5.13
N SER D 197 29.22 1.11 -5.90
CA SER D 197 29.28 0.57 -7.28
C SER D 197 28.95 -0.94 -7.24
N ALA D 198 28.14 -1.41 -8.19
CA ALA D 198 27.69 -2.82 -8.28
C ALA D 198 28.86 -3.80 -8.14
N THR D 199 30.10 -3.35 -8.42
CA THR D 199 31.36 -4.15 -8.41
C THR D 199 31.94 -4.24 -6.98
N PHE D 200 31.72 -3.23 -6.12
CA PHE D 200 32.14 -3.18 -4.67
C PHE D 200 31.21 -4.11 -3.85
N TRP D 201 29.94 -4.20 -4.24
CA TRP D 201 28.93 -5.12 -3.63
C TRP D 201 29.22 -6.55 -4.03
N GLN D 202 29.91 -6.74 -5.17
CA GLN D 202 30.16 -8.07 -5.79
C GLN D 202 31.54 -8.64 -5.38
N ASN D 203 32.30 -7.93 -4.53
CA ASN D 203 33.51 -8.42 -3.79
C ASN D 203 32.99 -8.85 -2.41
N PRO D 204 33.03 -10.15 -2.01
CA PRO D 204 32.64 -10.56 -0.65
C PRO D 204 33.74 -10.40 0.41
N ARG D 205 34.88 -9.77 0.09
CA ARG D 205 35.85 -9.20 1.10
C ARG D 205 35.18 -8.03 1.83
N ASN D 206 34.10 -7.52 1.21
CA ASN D 206 33.33 -6.32 1.61
C ASN D 206 32.12 -6.71 2.46
N HIS D 207 31.98 -5.94 3.55
CA HIS D 207 31.15 -6.23 4.75
C HIS D 207 30.48 -4.91 5.18
N PHE D 208 29.18 -4.82 4.94
CA PHE D 208 28.32 -3.66 5.27
C PHE D 208 27.64 -3.92 6.60
N ARG D 209 27.77 -3.00 7.55
CA ARG D 209 26.97 -3.03 8.79
C ARG D 209 26.21 -1.71 8.97
N CYS D 210 24.92 -1.84 9.26
CA CYS D 210 24.00 -0.76 9.64
C CYS D 210 23.91 -0.67 11.17
N GLN D 211 24.38 0.40 11.81
CA GLN D 211 24.46 0.48 13.30
C GLN D 211 23.52 1.56 13.87
N VAL D 212 22.67 1.21 14.79
CA VAL D 212 21.77 2.21 15.42
C VAL D 212 22.09 2.35 16.90
N GLN D 213 22.58 3.53 17.28
CA GLN D 213 22.64 3.99 18.68
C GLN D 213 21.21 4.38 19.08
N PHE D 214 20.73 3.81 20.17
CA PHE D 214 19.45 4.15 20.82
C PHE D 214 19.75 4.80 22.17
N TYR D 215 19.08 5.88 22.51
CA TYR D 215 19.24 6.62 23.80
C TYR D 215 17.98 6.41 24.62
N GLY D 216 18.05 5.51 25.58
CA GLY D 216 16.85 5.12 26.31
C GLY D 216 17.14 5.32 27.76
N LEU D 217 16.62 4.43 28.59
CA LEU D 217 16.65 4.55 30.06
C LEU D 217 18.07 4.56 30.61
N SER D 218 18.18 5.25 31.73
CA SER D 218 19.42 5.41 32.53
C SER D 218 19.49 4.30 33.58
N GLU D 219 20.65 4.23 34.22
CA GLU D 219 20.94 3.55 35.52
C GLU D 219 19.76 3.60 36.51
N ASN D 220 19.08 4.74 36.64
CA ASN D 220 18.21 5.08 37.81
C ASN D 220 16.73 5.15 37.38
N ASP D 221 16.08 4.01 37.14
CA ASP D 221 14.71 3.97 36.56
C ASP D 221 13.96 2.70 37.01
N GLU D 222 12.69 2.83 37.36
CA GLU D 222 11.87 1.73 37.93
C GLU D 222 11.51 0.74 36.81
N TRP D 223 12.22 -0.37 36.72
CA TRP D 223 11.91 -1.39 35.69
C TRP D 223 11.38 -2.66 36.37
N THR D 224 10.05 -2.80 36.36
CA THR D 224 9.30 -3.91 36.99
C THR D 224 8.93 -4.98 35.95
N GLN D 225 9.44 -4.91 34.72
CA GLN D 225 8.86 -5.66 33.58
C GLN D 225 9.55 -7.02 33.37
N ASP D 226 8.89 -7.84 32.55
CA ASP D 226 9.32 -9.20 32.16
C ASP D 226 10.46 -9.05 31.16
N ARG D 227 10.26 -8.18 30.15
CA ARG D 227 11.25 -7.90 29.07
C ARG D 227 12.46 -7.13 29.60
N ALA D 228 13.55 -7.17 28.83
CA ALA D 228 14.85 -6.54 29.17
C ALA D 228 14.65 -5.03 29.36
N LYS D 229 15.39 -4.43 30.29
CA LYS D 229 15.39 -2.95 30.51
C LYS D 229 15.96 -2.24 29.27
N PRO D 230 15.19 -1.32 28.64
CA PRO D 230 15.61 -0.66 27.42
C PRO D 230 16.50 0.56 27.68
N VAL D 231 17.70 0.23 28.12
CA VAL D 231 18.85 1.14 28.35
C VAL D 231 19.44 1.55 27.01
N THR D 232 20.18 2.63 27.06
CA THR D 232 21.03 3.10 25.95
C THR D 232 21.90 1.94 25.46
N GLN D 233 21.98 1.74 24.16
CA GLN D 233 22.64 0.54 23.58
C GLN D 233 22.71 0.70 22.07
N ILE D 234 23.47 -0.16 21.42
CA ILE D 234 23.70 -0.19 19.94
C ILE D 234 23.01 -1.43 19.39
N VAL D 235 22.21 -1.28 18.34
CA VAL D 235 21.63 -2.45 17.62
C VAL D 235 22.09 -2.37 16.15
N SER D 236 22.45 -3.52 15.57
CA SER D 236 23.15 -3.66 14.26
C SER D 236 22.55 -4.80 13.45
N ALA D 237 22.59 -4.64 12.15
CA ALA D 237 22.36 -5.74 11.22
C ALA D 237 23.44 -5.62 10.15
N GLU D 238 23.81 -6.74 9.53
CA GLU D 238 24.92 -6.75 8.55
C GLU D 238 24.51 -7.61 7.35
N ALA D 239 25.21 -7.39 6.24
CA ALA D 239 25.13 -8.25 5.04
C ALA D 239 26.55 -8.39 4.47
N TRP D 240 26.80 -9.52 3.81
CA TRP D 240 28.07 -9.78 3.10
C TRP D 240 27.79 -9.51 1.63
N GLY D 241 28.74 -8.81 1.00
CA GLY D 241 28.80 -8.65 -0.46
C GLY D 241 28.62 -9.99 -1.15
N ARG D 242 27.41 -10.28 -1.59
CA ARG D 242 27.14 -11.47 -2.44
C ARG D 242 27.76 -11.18 -3.80
N ALA D 243 29.03 -11.54 -3.93
CA ALA D 243 29.68 -11.73 -5.23
C ALA D 243 28.81 -12.73 -5.99
N ASP D 244 28.19 -12.28 -7.08
CA ASP D 244 27.18 -13.02 -7.87
C ASP D 244 27.28 -12.57 -9.32
#